data_2E1D
#
_entry.id   2E1D
#
_cell.length_a   51.984
_cell.length_b   107.488
_cell.length_c   60.877
_cell.angle_alpha   90.00
_cell.angle_beta   96.91
_cell.angle_gamma   90.00
#
_symmetry.space_group_name_H-M   'P 1 21 1'
#
loop_
_entity.id
_entity.type
_entity.pdbx_description
1 polymer Transaldolase
2 non-polymer 'SULFITE ION'
3 water water
#
_entity_poly.entity_id   1
_entity_poly.type   'polypeptide(L)'
_entity_poly.pdbx_seq_one_letter_code
;GSSGSSGMESALDQLKQFTTVVADTGDFNAIDEYKPQDATTNPSLILAAAQMPAYQELVEEAIAYGKKLGGPQEEQIKNA
IDKLFVLFGAEILKKIPGRVSTEVDARLSFDKDAMVARARRLIELYKEAGVGKDRILIKLSSTWEGIQAGKELEEQHGIH
CNMTLLFSFAQAVACAEAGVTLISPFVGRILDWHVANTDKKSYEPQGDPGVKSVTKIYNYYKKFGYKTIVMGASFRNTGE
IKALAGCDFLTISPKLLGELLKDNSKLAPALSVKAAQTSDSEKIHLDEKAFRWLHNEDQMAVEKLSDGIRKFAADAIKLE
RMLTERMFSAE
;
_entity_poly.pdbx_strand_id   A,B
#
# COMPACT_ATOMS: atom_id res chain seq x y z
N GLU A 9 -39.20 20.06 12.34
CA GLU A 9 -38.75 19.06 11.33
C GLU A 9 -37.43 18.43 11.72
N SER A 10 -37.37 17.10 11.62
CA SER A 10 -36.19 16.33 11.96
C SER A 10 -34.93 16.73 11.20
N ALA A 11 -33.78 16.40 11.76
CA ALA A 11 -32.50 16.69 11.14
C ALA A 11 -32.42 15.99 9.78
N LEU A 12 -33.06 14.82 9.69
CA LEU A 12 -33.07 14.06 8.45
C LEU A 12 -33.77 14.84 7.34
N ASP A 13 -34.95 15.36 7.64
CA ASP A 13 -35.69 16.13 6.64
C ASP A 13 -34.96 17.43 6.28
N GLN A 14 -34.28 18.02 7.27
CA GLN A 14 -33.54 19.26 7.02
C GLN A 14 -32.36 18.97 6.10
N LEU A 15 -31.68 17.86 6.36
CA LEU A 15 -30.54 17.45 5.55
C LEU A 15 -30.93 17.27 4.10
N LYS A 16 -32.08 16.65 3.87
CA LYS A 16 -32.58 16.40 2.53
C LYS A 16 -32.74 17.67 1.69
N GLN A 17 -32.81 18.82 2.36
CA GLN A 17 -32.97 20.08 1.65
C GLN A 17 -31.63 20.58 1.10
N PHE A 18 -30.54 19.96 1.54
CA PHE A 18 -29.19 20.35 1.10
C PHE A 18 -28.43 19.18 0.49
N THR A 19 -28.84 17.96 0.80
CA THR A 19 -28.16 16.76 0.33
C THR A 19 -29.14 15.64 -0.03
N THR A 20 -28.82 14.87 -1.06
CA THR A 20 -29.67 13.75 -1.45
C THR A 20 -29.29 12.55 -0.58
N VAL A 21 -30.26 12.04 0.16
CA VAL A 21 -30.04 10.92 1.06
C VAL A 21 -30.03 9.56 0.40
N VAL A 22 -29.08 8.73 0.83
CA VAL A 22 -28.92 7.37 0.30
C VAL A 22 -28.87 6.40 1.47
N ALA A 23 -29.53 5.25 1.32
CA ALA A 23 -29.58 4.23 2.36
C ALA A 23 -28.49 3.17 2.13
N ASP A 24 -27.63 2.99 3.13
CA ASP A 24 -26.54 2.03 3.03
C ASP A 24 -26.98 0.70 3.66
N THR A 25 -27.56 -0.17 2.85
CA THR A 25 -28.04 -1.47 3.35
C THR A 25 -28.59 -2.37 2.24
N GLY A 26 -28.67 -3.66 2.54
CA GLY A 26 -29.20 -4.63 1.60
C GLY A 26 -30.55 -5.13 2.08
N ASP A 27 -30.91 -4.72 3.28
CA ASP A 27 -32.17 -5.10 3.91
C ASP A 27 -33.31 -4.31 3.26
N PHE A 28 -33.65 -4.70 2.03
CA PHE A 28 -34.68 -3.99 1.26
C PHE A 28 -36.13 -4.03 1.73
N ASN A 29 -36.51 -4.99 2.57
CA ASN A 29 -37.90 -5.04 3.02
C ASN A 29 -38.31 -3.76 3.77
N ALA A 30 -37.33 -3.06 4.32
CA ALA A 30 -37.62 -1.82 5.05
C ALA A 30 -36.78 -0.65 4.57
N ILE A 31 -36.19 -0.78 3.39
CA ILE A 31 -35.33 0.27 2.84
C ILE A 31 -36.03 1.53 2.36
N ASP A 32 -37.37 1.53 2.35
CA ASP A 32 -38.11 2.70 1.91
C ASP A 32 -38.61 3.53 3.09
N GLU A 33 -38.32 3.06 4.30
CA GLU A 33 -38.75 3.74 5.52
C GLU A 33 -38.28 5.20 5.62
N TYR A 34 -37.03 5.47 5.28
CA TYR A 34 -36.50 6.84 5.35
C TYR A 34 -36.57 7.55 4.00
N LYS A 35 -37.33 6.97 3.08
CA LYS A 35 -37.51 7.52 1.73
C LYS A 35 -36.22 8.00 1.09
N PRO A 36 -35.25 7.10 0.90
CA PRO A 36 -33.98 7.50 0.28
C PRO A 36 -34.15 7.59 -1.23
N GLN A 37 -33.21 8.24 -1.89
CA GLN A 37 -33.23 8.37 -3.34
C GLN A 37 -32.49 7.16 -3.94
N ASP A 38 -31.26 6.96 -3.49
CA ASP A 38 -30.43 5.84 -3.94
C ASP A 38 -30.20 4.89 -2.79
N ALA A 39 -29.52 3.78 -3.07
CA ALA A 39 -29.19 2.79 -2.06
C ALA A 39 -27.83 2.19 -2.40
N THR A 40 -27.08 1.80 -1.37
CA THR A 40 -25.77 1.21 -1.59
C THR A 40 -25.63 -0.10 -0.84
N THR A 41 -24.96 -1.05 -1.49
CA THR A 41 -24.69 -2.35 -0.88
C THR A 41 -23.20 -2.56 -1.08
N ASN A 42 -22.66 -3.56 -0.39
CA ASN A 42 -21.26 -3.92 -0.50
C ASN A 42 -21.17 -5.36 -0.03
N PRO A 43 -20.04 -6.05 -0.32
CA PRO A 43 -19.85 -7.45 0.08
C PRO A 43 -20.32 -7.79 1.49
N SER A 44 -20.03 -6.91 2.44
CA SER A 44 -20.41 -7.14 3.83
C SER A 44 -21.92 -7.08 4.05
N LEU A 45 -22.58 -6.08 3.49
CA LEU A 45 -24.03 -5.95 3.65
C LEU A 45 -24.80 -7.09 2.98
N ILE A 46 -24.31 -7.56 1.84
CA ILE A 46 -24.98 -8.66 1.15
C ILE A 46 -24.83 -9.92 1.99
N LEU A 47 -23.63 -10.18 2.49
CA LEU A 47 -23.38 -11.36 3.31
C LEU A 47 -24.36 -11.38 4.47
N ALA A 48 -24.47 -10.25 5.17
CA ALA A 48 -25.37 -10.12 6.31
C ALA A 48 -26.82 -10.37 5.88
N ALA A 49 -27.22 -9.74 4.78
CA ALA A 49 -28.59 -9.90 4.27
C ALA A 49 -28.91 -11.31 3.84
N ALA A 50 -27.96 -11.96 3.18
CA ALA A 50 -28.13 -13.33 2.69
C ALA A 50 -28.37 -14.32 3.82
N GLN A 51 -27.93 -13.97 5.02
CA GLN A 51 -28.09 -14.84 6.18
C GLN A 51 -29.41 -14.60 6.91
N MET A 52 -30.18 -13.60 6.46
CA MET A 52 -31.45 -13.29 7.08
C MET A 52 -32.56 -14.20 6.53
N PRO A 53 -33.35 -14.81 7.42
CA PRO A 53 -34.44 -15.71 7.05
C PRO A 53 -35.40 -15.14 6.01
N ALA A 54 -35.66 -13.83 6.11
CA ALA A 54 -36.57 -13.15 5.20
C ALA A 54 -36.13 -13.16 3.74
N TYR A 55 -34.84 -13.37 3.49
CA TYR A 55 -34.34 -13.35 2.12
C TYR A 55 -33.83 -14.68 1.59
N GLN A 56 -34.30 -15.78 2.20
CA GLN A 56 -33.86 -17.10 1.76
C GLN A 56 -34.41 -17.47 0.38
N GLU A 57 -35.53 -16.86 -0.01
CA GLU A 57 -36.10 -17.14 -1.32
C GLU A 57 -35.13 -16.66 -2.39
N LEU A 58 -34.49 -15.51 -2.13
CA LEU A 58 -33.52 -14.96 -3.06
C LEU A 58 -32.30 -15.87 -3.14
N VAL A 59 -31.87 -16.37 -1.99
CA VAL A 59 -30.72 -17.25 -1.94
C VAL A 59 -31.00 -18.54 -2.70
N GLU A 60 -32.18 -19.12 -2.48
CA GLU A 60 -32.55 -20.35 -3.17
C GLU A 60 -32.60 -20.11 -4.66
N GLU A 61 -33.08 -18.94 -5.06
CA GLU A 61 -33.18 -18.62 -6.48
C GLU A 61 -31.77 -18.47 -7.06
N ALA A 62 -30.89 -17.81 -6.31
CA ALA A 62 -29.51 -17.63 -6.75
C ALA A 62 -28.87 -19.00 -6.92
N ILE A 63 -29.10 -19.87 -5.94
CA ILE A 63 -28.56 -21.22 -5.97
C ILE A 63 -29.04 -21.98 -7.20
N ALA A 64 -30.35 -21.95 -7.42
CA ALA A 64 -30.95 -22.65 -8.55
C ALA A 64 -30.44 -22.09 -9.87
N TYR A 65 -30.14 -20.79 -9.89
CA TYR A 65 -29.64 -20.14 -11.08
C TYR A 65 -28.27 -20.70 -11.46
N GLY A 66 -27.36 -20.68 -10.49
CA GLY A 66 -26.02 -21.18 -10.71
C GLY A 66 -25.97 -22.63 -11.15
N LYS A 67 -26.84 -23.46 -10.59
CA LYS A 67 -26.87 -24.88 -10.94
C LYS A 67 -27.37 -25.13 -12.36
N LYS A 68 -28.38 -24.38 -12.78
CA LYS A 68 -28.93 -24.54 -14.12
C LYS A 68 -27.90 -24.24 -15.20
N LEU A 69 -27.01 -23.29 -14.92
CA LEU A 69 -25.97 -22.90 -15.87
C LEU A 69 -24.89 -23.99 -15.97
N GLY A 70 -24.81 -24.84 -14.96
CA GLY A 70 -23.83 -25.90 -14.97
C GLY A 70 -22.38 -25.48 -14.87
N GLY A 71 -21.49 -26.39 -15.25
CA GLY A 71 -20.06 -26.11 -15.18
C GLY A 71 -19.50 -26.57 -13.85
N PRO A 72 -18.19 -26.41 -13.61
CA PRO A 72 -17.62 -26.84 -12.34
C PRO A 72 -18.25 -26.07 -11.16
N GLN A 73 -18.09 -26.60 -9.96
CA GLN A 73 -18.67 -25.94 -8.78
C GLN A 73 -18.26 -24.48 -8.68
N GLU A 74 -17.00 -24.20 -9.00
CA GLU A 74 -16.47 -22.84 -8.94
C GLU A 74 -17.27 -21.88 -9.82
N GLU A 75 -17.79 -22.40 -10.93
CA GLU A 75 -18.57 -21.59 -11.86
C GLU A 75 -20.02 -21.43 -11.38
N GLN A 76 -20.57 -22.49 -10.81
CA GLN A 76 -21.94 -22.45 -10.31
C GLN A 76 -22.03 -21.52 -9.11
N ILE A 77 -20.98 -21.54 -8.29
CA ILE A 77 -20.91 -20.70 -7.10
C ILE A 77 -20.75 -19.24 -7.48
N LYS A 78 -20.00 -19.00 -8.56
CA LYS A 78 -19.77 -17.65 -9.05
C LYS A 78 -21.07 -17.07 -9.62
N ASN A 79 -21.74 -17.87 -10.45
CA ASN A 79 -23.00 -17.42 -11.04
C ASN A 79 -24.06 -17.24 -9.97
N ALA A 80 -23.98 -18.02 -8.90
CA ALA A 80 -24.93 -17.93 -7.82
C ALA A 80 -24.71 -16.65 -7.01
N ILE A 81 -23.48 -16.37 -6.64
CA ILE A 81 -23.19 -15.18 -5.85
C ILE A 81 -23.50 -13.91 -6.68
N ASP A 82 -23.18 -13.93 -7.97
CA ASP A 82 -23.46 -12.78 -8.81
C ASP A 82 -24.98 -12.62 -8.98
N LYS A 83 -25.68 -13.74 -9.14
CA LYS A 83 -27.13 -13.70 -9.28
C LYS A 83 -27.74 -13.15 -8.01
N LEU A 84 -27.17 -13.52 -6.87
CA LEU A 84 -27.68 -13.06 -5.58
C LEU A 84 -27.50 -11.55 -5.44
N PHE A 85 -26.33 -11.05 -5.80
CA PHE A 85 -26.06 -9.61 -5.72
C PHE A 85 -27.10 -8.86 -6.56
N VAL A 86 -27.36 -9.35 -7.75
CA VAL A 86 -28.34 -8.72 -8.65
C VAL A 86 -29.76 -8.89 -8.13
N LEU A 87 -30.07 -10.03 -7.52
CA LEU A 87 -31.40 -10.24 -6.97
C LEU A 87 -31.71 -9.20 -5.91
N PHE A 88 -30.75 -8.99 -4.99
CA PHE A 88 -30.93 -7.99 -3.94
C PHE A 88 -31.08 -6.62 -4.59
N GLY A 89 -30.22 -6.34 -5.56
CA GLY A 89 -30.25 -5.06 -6.24
C GLY A 89 -31.60 -4.80 -6.87
N ALA A 90 -32.14 -5.82 -7.55
CA ALA A 90 -33.44 -5.70 -8.21
C ALA A 90 -34.55 -5.42 -7.21
N GLU A 91 -34.50 -6.09 -6.06
CA GLU A 91 -35.52 -5.90 -5.03
C GLU A 91 -35.43 -4.49 -4.43
N ILE A 92 -34.21 -3.99 -4.28
CA ILE A 92 -34.01 -2.67 -3.73
C ILE A 92 -34.64 -1.64 -4.67
N LEU A 93 -34.41 -1.81 -5.97
CA LEU A 93 -34.94 -0.89 -6.98
C LEU A 93 -36.46 -0.82 -7.01
N LYS A 94 -37.12 -1.87 -6.54
CA LYS A 94 -38.58 -1.90 -6.51
C LYS A 94 -39.08 -0.99 -5.39
N LYS A 95 -38.20 -0.71 -4.43
CA LYS A 95 -38.55 0.11 -3.28
C LYS A 95 -38.06 1.56 -3.32
N ILE A 96 -37.18 1.89 -4.28
CA ILE A 96 -36.67 3.25 -4.36
C ILE A 96 -36.78 3.84 -5.77
N PRO A 97 -36.71 5.18 -5.88
CA PRO A 97 -36.80 5.86 -7.17
C PRO A 97 -35.46 6.04 -7.87
N GLY A 98 -34.37 5.81 -7.14
CA GLY A 98 -33.06 6.01 -7.72
C GLY A 98 -32.24 4.79 -8.10
N ARG A 99 -30.93 4.91 -7.90
CA ARG A 99 -29.96 3.86 -8.23
C ARG A 99 -29.57 3.00 -7.05
N VAL A 100 -28.98 1.85 -7.35
CA VAL A 100 -28.48 0.94 -6.33
C VAL A 100 -27.04 0.60 -6.72
N SER A 101 -26.14 0.57 -5.74
CA SER A 101 -24.76 0.23 -6.00
C SER A 101 -24.49 -1.24 -5.69
N THR A 102 -23.81 -1.92 -6.61
CA THR A 102 -23.48 -3.33 -6.48
C THR A 102 -21.96 -3.43 -6.68
N GLU A 103 -21.27 -3.99 -5.70
CA GLU A 103 -19.81 -4.08 -5.77
C GLU A 103 -19.24 -5.32 -6.40
N VAL A 104 -18.13 -5.12 -7.11
CA VAL A 104 -17.40 -6.21 -7.78
C VAL A 104 -16.47 -6.85 -6.76
N ASP A 105 -16.34 -8.17 -6.83
CA ASP A 105 -15.48 -8.93 -5.93
C ASP A 105 -14.18 -8.16 -5.68
N ALA A 106 -13.90 -7.87 -4.40
CA ALA A 106 -12.70 -7.13 -4.04
C ALA A 106 -11.40 -7.86 -4.35
N ARG A 107 -11.49 -9.17 -4.58
CA ARG A 107 -10.30 -9.95 -4.91
C ARG A 107 -9.75 -9.57 -6.29
N LEU A 108 -10.52 -8.78 -7.04
CA LEU A 108 -10.12 -8.34 -8.37
C LEU A 108 -9.60 -6.90 -8.36
N SER A 109 -9.47 -6.32 -7.17
CA SER A 109 -9.03 -4.94 -7.00
C SER A 109 -7.76 -4.48 -7.72
N PHE A 110 -6.88 -5.42 -8.06
CA PHE A 110 -5.65 -5.06 -8.75
C PHE A 110 -5.64 -5.58 -10.20
N ASP A 111 -6.80 -6.05 -10.66
CA ASP A 111 -6.92 -6.61 -12.00
C ASP A 111 -7.92 -5.79 -12.82
N LYS A 112 -7.45 -4.74 -13.48
CA LYS A 112 -8.31 -3.88 -14.28
C LYS A 112 -9.25 -4.64 -15.22
N ASP A 113 -8.69 -5.48 -16.09
CA ASP A 113 -9.49 -6.23 -17.04
C ASP A 113 -10.56 -7.11 -16.40
N ALA A 114 -10.21 -7.78 -15.30
CA ALA A 114 -11.17 -8.63 -14.61
C ALA A 114 -12.32 -7.81 -14.03
N MET A 115 -12.01 -6.61 -13.53
CA MET A 115 -13.06 -5.77 -12.95
C MET A 115 -14.02 -5.31 -14.05
N VAL A 116 -13.45 -4.91 -15.18
CA VAL A 116 -14.26 -4.47 -16.31
C VAL A 116 -15.20 -5.60 -16.74
N ALA A 117 -14.65 -6.80 -16.89
CA ALA A 117 -15.44 -7.95 -17.32
C ALA A 117 -16.52 -8.32 -16.30
N ARG A 118 -16.16 -8.37 -15.03
CA ARG A 118 -17.12 -8.72 -13.99
C ARG A 118 -18.24 -7.70 -13.90
N ALA A 119 -17.91 -6.43 -14.11
CA ALA A 119 -18.91 -5.37 -14.08
C ALA A 119 -19.88 -5.54 -15.23
N ARG A 120 -19.34 -5.90 -16.40
CA ARG A 120 -20.18 -6.11 -17.58
C ARG A 120 -21.09 -7.32 -17.38
N ARG A 121 -20.58 -8.34 -16.70
CA ARG A 121 -21.37 -9.54 -16.43
C ARG A 121 -22.54 -9.18 -15.51
N LEU A 122 -22.27 -8.38 -14.48
CA LEU A 122 -23.30 -7.97 -13.54
C LEU A 122 -24.38 -7.18 -14.28
N ILE A 123 -23.96 -6.26 -15.13
CA ILE A 123 -24.89 -5.44 -15.92
C ILE A 123 -25.74 -6.35 -16.80
N GLU A 124 -25.13 -7.42 -17.30
CA GLU A 124 -25.85 -8.37 -18.14
C GLU A 124 -26.89 -9.13 -17.33
N LEU A 125 -26.52 -9.50 -16.10
CA LEU A 125 -27.45 -10.22 -15.24
C LEU A 125 -28.63 -9.32 -14.88
N TYR A 126 -28.34 -8.04 -14.67
CA TYR A 126 -29.39 -7.07 -14.35
C TYR A 126 -30.35 -6.96 -15.51
N LYS A 127 -29.80 -6.92 -16.73
CA LYS A 127 -30.60 -6.82 -17.94
C LYS A 127 -31.53 -8.04 -18.05
N GLU A 128 -31.03 -9.20 -17.64
CA GLU A 128 -31.82 -10.42 -17.67
C GLU A 128 -33.01 -10.28 -16.72
N ALA A 129 -32.75 -9.63 -15.58
CA ALA A 129 -33.78 -9.41 -14.58
C ALA A 129 -34.66 -8.24 -14.97
N GLY A 130 -34.41 -7.71 -16.17
CA GLY A 130 -35.20 -6.59 -16.66
C GLY A 130 -34.80 -5.23 -16.12
N VAL A 131 -33.55 -5.08 -15.70
CA VAL A 131 -33.07 -3.82 -15.14
C VAL A 131 -32.06 -3.15 -16.06
N GLY A 132 -32.32 -1.89 -16.40
CA GLY A 132 -31.42 -1.15 -17.26
C GLY A 132 -30.25 -0.62 -16.47
N LYS A 133 -29.10 -0.43 -17.13
CA LYS A 133 -27.91 0.06 -16.44
C LYS A 133 -28.06 1.46 -15.86
N ASP A 134 -29.13 2.16 -16.21
CA ASP A 134 -29.36 3.49 -15.68
C ASP A 134 -29.72 3.46 -14.19
N ARG A 135 -30.20 2.31 -13.73
CA ARG A 135 -30.58 2.16 -12.31
C ARG A 135 -29.40 1.60 -11.53
N ILE A 136 -28.29 1.35 -12.21
CA ILE A 136 -27.14 0.72 -11.57
C ILE A 136 -25.83 1.50 -11.48
N LEU A 137 -25.14 1.33 -10.35
CA LEU A 137 -23.84 1.93 -10.12
C LEU A 137 -22.96 0.75 -9.72
N ILE A 138 -21.96 0.45 -10.55
CA ILE A 138 -21.03 -0.63 -10.26
C ILE A 138 -19.96 -0.08 -9.32
N LYS A 139 -19.85 -0.69 -8.14
CA LYS A 139 -18.88 -0.27 -7.13
C LYS A 139 -17.54 -0.94 -7.35
N LEU A 140 -16.47 -0.13 -7.35
CA LEU A 140 -15.12 -0.64 -7.55
C LEU A 140 -14.15 -0.05 -6.54
N SER A 141 -13.22 -0.87 -6.04
CA SER A 141 -12.21 -0.40 -5.09
C SER A 141 -11.42 0.68 -5.82
N SER A 142 -11.09 1.76 -5.12
CA SER A 142 -10.37 2.86 -5.74
C SER A 142 -8.85 2.72 -5.82
N THR A 143 -8.39 1.57 -6.29
CA THR A 143 -6.98 1.36 -6.50
C THR A 143 -6.78 2.01 -7.86
N TRP A 144 -5.53 2.18 -8.29
CA TRP A 144 -5.30 2.76 -9.60
C TRP A 144 -6.03 1.92 -10.66
N GLU A 145 -5.92 0.59 -10.52
CA GLU A 145 -6.56 -0.33 -11.45
C GLU A 145 -8.08 -0.22 -11.43
N GLY A 146 -8.65 -0.03 -10.24
CA GLY A 146 -10.09 0.09 -10.15
C GLY A 146 -10.56 1.37 -10.81
N ILE A 147 -9.80 2.44 -10.62
CA ILE A 147 -10.13 3.73 -11.21
C ILE A 147 -10.06 3.67 -12.73
N GLN A 148 -9.03 3.01 -13.26
CA GLN A 148 -8.92 2.91 -14.71
C GLN A 148 -10.02 1.98 -15.23
N ALA A 149 -10.43 1.02 -14.41
CA ALA A 149 -11.50 0.11 -14.81
C ALA A 149 -12.78 0.91 -14.93
N GLY A 150 -13.01 1.81 -13.98
CA GLY A 150 -14.21 2.63 -14.02
C GLY A 150 -14.22 3.52 -15.25
N LYS A 151 -13.06 4.08 -15.56
CA LYS A 151 -12.90 4.94 -16.73
C LYS A 151 -13.28 4.20 -18.00
N GLU A 152 -12.79 2.98 -18.16
CA GLU A 152 -13.08 2.16 -19.33
C GLU A 152 -14.55 1.79 -19.40
N LEU A 153 -15.14 1.44 -18.26
CA LEU A 153 -16.54 1.07 -18.19
C LEU A 153 -17.43 2.24 -18.59
N GLU A 154 -17.09 3.44 -18.14
CA GLU A 154 -17.88 4.63 -18.45
C GLU A 154 -17.80 5.01 -19.93
N GLU A 155 -16.57 5.14 -20.43
CA GLU A 155 -16.36 5.56 -21.82
C GLU A 155 -16.70 4.54 -22.89
N GLN A 156 -16.26 3.30 -22.68
CA GLN A 156 -16.49 2.24 -23.67
C GLN A 156 -17.83 1.55 -23.59
N HIS A 157 -18.37 1.37 -22.38
CA HIS A 157 -19.63 0.66 -22.22
C HIS A 157 -20.79 1.44 -21.62
N GLY A 158 -20.57 2.71 -21.30
CA GLY A 158 -21.63 3.51 -20.72
C GLY A 158 -22.10 2.96 -19.38
N ILE A 159 -21.26 2.18 -18.71
CA ILE A 159 -21.61 1.61 -17.42
C ILE A 159 -21.11 2.57 -16.33
N HIS A 160 -22.04 3.11 -15.55
CA HIS A 160 -21.70 4.07 -14.50
C HIS A 160 -21.16 3.41 -13.24
N CYS A 161 -20.09 3.99 -12.71
CA CYS A 161 -19.45 3.44 -11.52
C CYS A 161 -19.42 4.33 -10.29
N ASN A 162 -19.32 3.66 -9.15
CA ASN A 162 -19.24 4.30 -7.84
C ASN A 162 -17.88 3.85 -7.29
N MET A 163 -16.89 4.74 -7.30
CA MET A 163 -15.57 4.41 -6.80
C MET A 163 -15.55 4.49 -5.28
N THR A 164 -15.35 3.34 -4.63
CA THR A 164 -15.37 3.26 -3.18
C THR A 164 -14.00 3.07 -2.51
N LEU A 165 -13.98 2.94 -1.19
CA LEU A 165 -12.73 2.81 -0.42
C LEU A 165 -11.79 3.94 -0.85
N LEU A 166 -12.35 5.14 -0.93
CA LEU A 166 -11.60 6.32 -1.35
C LEU A 166 -11.18 7.08 -0.09
N PHE A 167 -9.87 7.13 0.15
CA PHE A 167 -9.34 7.77 1.34
C PHE A 167 -8.40 8.94 1.13
N SER A 168 -7.55 8.86 0.10
CA SER A 168 -6.59 9.93 -0.14
C SER A 168 -7.04 10.95 -1.18
N PHE A 169 -6.38 12.11 -1.15
CA PHE A 169 -6.69 13.16 -2.10
C PHE A 169 -6.29 12.67 -3.49
N ALA A 170 -5.21 11.89 -3.54
CA ALA A 170 -4.70 11.32 -4.77
C ALA A 170 -5.78 10.46 -5.45
N GLN A 171 -6.46 9.63 -4.67
CA GLN A 171 -7.52 8.81 -5.23
C GLN A 171 -8.63 9.71 -5.76
N ALA A 172 -8.98 10.74 -4.99
CA ALA A 172 -10.03 11.69 -5.41
C ALA A 172 -9.69 12.34 -6.75
N VAL A 173 -8.46 12.82 -6.88
CA VAL A 173 -8.03 13.46 -8.12
C VAL A 173 -8.09 12.46 -9.27
N ALA A 174 -7.57 11.25 -9.04
CA ALA A 174 -7.56 10.23 -10.07
C ALA A 174 -8.96 9.91 -10.55
N CYS A 175 -9.91 9.81 -9.63
CA CYS A 175 -11.30 9.52 -10.00
C CYS A 175 -11.89 10.66 -10.81
N ALA A 176 -11.56 11.89 -10.44
CA ALA A 176 -12.08 13.05 -11.15
C ALA A 176 -11.58 13.06 -12.60
N GLU A 177 -10.29 12.81 -12.77
CA GLU A 177 -9.70 12.81 -14.11
C GLU A 177 -10.20 11.65 -14.97
N ALA A 178 -10.63 10.58 -14.30
CA ALA A 178 -11.15 9.40 -14.99
C ALA A 178 -12.59 9.63 -15.43
N GLY A 179 -13.23 10.64 -14.86
CA GLY A 179 -14.60 10.95 -15.21
C GLY A 179 -15.63 9.94 -14.77
N VAL A 180 -15.42 9.31 -13.62
CA VAL A 180 -16.36 8.34 -13.10
C VAL A 180 -17.64 9.05 -12.68
N THR A 181 -18.76 8.34 -12.69
CA THR A 181 -20.04 8.93 -12.31
C THR A 181 -20.10 9.41 -10.87
N LEU A 182 -19.62 8.59 -9.94
CA LEU A 182 -19.69 8.97 -8.54
C LEU A 182 -18.54 8.38 -7.71
N ILE A 183 -18.23 9.07 -6.60
CA ILE A 183 -17.18 8.60 -5.70
C ILE A 183 -17.77 8.50 -4.30
N SER A 184 -17.28 7.54 -3.54
CA SER A 184 -17.74 7.31 -2.18
C SER A 184 -16.59 7.51 -1.19
N PRO A 185 -16.17 8.77 -0.99
CA PRO A 185 -15.07 9.03 -0.06
C PRO A 185 -15.53 8.67 1.34
N PHE A 186 -14.70 7.93 2.08
CA PHE A 186 -15.05 7.50 3.42
C PHE A 186 -14.78 8.54 4.51
N VAL A 187 -15.55 8.44 5.60
CA VAL A 187 -15.42 9.37 6.72
C VAL A 187 -15.12 8.61 8.02
N GLY A 188 -16.01 7.68 8.36
CA GLY A 188 -15.86 6.92 9.58
C GLY A 188 -14.57 6.14 9.76
N ARG A 189 -14.10 5.49 8.70
CA ARG A 189 -12.87 4.73 8.82
C ARG A 189 -11.66 5.64 9.00
N ILE A 190 -11.78 6.88 8.53
CA ILE A 190 -10.67 7.82 8.68
C ILE A 190 -10.60 8.20 10.17
N LEU A 191 -11.75 8.39 10.79
CA LEU A 191 -11.78 8.71 12.21
C LEU A 191 -11.16 7.52 12.97
N ASP A 192 -11.57 6.31 12.61
CA ASP A 192 -11.05 5.10 13.24
C ASP A 192 -9.52 5.12 13.31
N TRP A 193 -8.90 5.36 12.16
CA TRP A 193 -7.43 5.40 12.07
C TRP A 193 -6.79 6.43 12.99
N HIS A 194 -7.36 7.64 13.03
CA HIS A 194 -6.81 8.69 13.86
C HIS A 194 -7.01 8.42 15.35
N VAL A 195 -8.11 7.77 15.70
CA VAL A 195 -8.37 7.43 17.09
C VAL A 195 -7.34 6.39 17.53
N ALA A 196 -7.09 5.41 16.66
CA ALA A 196 -6.14 4.34 16.96
C ALA A 196 -4.68 4.71 16.82
N ASN A 197 -4.37 5.73 16.02
CA ASN A 197 -2.98 6.11 15.80
C ASN A 197 -2.53 7.45 16.36
N THR A 198 -3.42 8.17 17.03
CA THR A 198 -3.03 9.44 17.63
C THR A 198 -3.50 9.47 19.08
N ASP A 199 -3.14 10.54 19.79
CA ASP A 199 -3.52 10.67 21.19
C ASP A 199 -4.92 11.26 21.31
N LYS A 200 -5.39 11.93 20.25
CA LYS A 200 -6.70 12.54 20.25
C LYS A 200 -7.78 11.49 19.93
N LYS A 201 -8.65 11.24 20.90
CA LYS A 201 -9.70 10.23 20.75
C LYS A 201 -11.08 10.79 20.40
N SER A 202 -11.21 12.11 20.37
CA SER A 202 -12.50 12.73 20.06
C SER A 202 -12.30 14.01 19.25
N TYR A 203 -13.22 14.27 18.33
CA TYR A 203 -13.12 15.46 17.48
C TYR A 203 -14.46 16.15 17.32
N GLU A 204 -14.44 17.48 17.25
CA GLU A 204 -15.69 18.19 17.01
C GLU A 204 -15.88 17.93 15.50
N PRO A 205 -17.13 17.91 15.03
CA PRO A 205 -17.47 17.67 13.63
C PRO A 205 -16.53 18.20 12.55
N GLN A 206 -16.32 19.50 12.50
CA GLN A 206 -15.43 20.07 11.49
C GLN A 206 -13.97 19.71 11.70
N GLY A 207 -13.66 19.13 12.86
CA GLY A 207 -12.29 18.74 13.15
C GLY A 207 -12.07 17.26 12.85
N ASP A 208 -13.17 16.52 12.69
CA ASP A 208 -13.12 15.10 12.38
C ASP A 208 -12.31 14.93 11.09
N PRO A 209 -11.24 14.12 11.12
CA PRO A 209 -10.40 13.90 9.93
C PRO A 209 -11.13 13.35 8.71
N GLY A 210 -12.19 12.60 8.94
CA GLY A 210 -12.96 12.04 7.84
C GLY A 210 -13.79 13.16 7.22
N VAL A 211 -14.28 14.06 8.06
CA VAL A 211 -15.06 15.20 7.59
C VAL A 211 -14.15 16.10 6.76
N LYS A 212 -12.93 16.32 7.26
CA LYS A 212 -11.97 17.17 6.56
C LYS A 212 -11.62 16.60 5.19
N SER A 213 -11.47 15.28 5.11
CA SER A 213 -11.14 14.63 3.85
C SER A 213 -12.20 14.87 2.79
N VAL A 214 -13.46 14.61 3.13
CA VAL A 214 -14.55 14.80 2.18
C VAL A 214 -14.69 16.28 1.80
N THR A 215 -14.46 17.15 2.78
CA THR A 215 -14.56 18.59 2.56
C THR A 215 -13.52 19.04 1.52
N LYS A 216 -12.31 18.52 1.66
CA LYS A 216 -11.21 18.85 0.74
C LYS A 216 -11.55 18.37 -0.67
N ILE A 217 -12.07 17.15 -0.76
CA ILE A 217 -12.44 16.57 -2.05
C ILE A 217 -13.60 17.33 -2.69
N TYR A 218 -14.65 17.58 -1.92
CA TYR A 218 -15.80 18.31 -2.41
C TYR A 218 -15.42 19.68 -2.97
N ASN A 219 -14.64 20.45 -2.20
CA ASN A 219 -14.24 21.78 -2.65
C ASN A 219 -13.39 21.76 -3.91
N TYR A 220 -12.52 20.76 -4.02
CA TYR A 220 -11.67 20.63 -5.19
C TYR A 220 -12.54 20.34 -6.42
N TYR A 221 -13.43 19.35 -6.27
CA TYR A 221 -14.33 18.96 -7.35
C TYR A 221 -15.20 20.11 -7.86
N LYS A 222 -15.84 20.83 -6.94
CA LYS A 222 -16.72 21.93 -7.32
C LYS A 222 -15.95 23.14 -7.83
N LYS A 223 -14.78 23.39 -7.26
CA LYS A 223 -13.97 24.54 -7.67
C LYS A 223 -13.50 24.43 -9.11
N PHE A 224 -13.13 23.22 -9.53
CA PHE A 224 -12.62 23.03 -10.88
C PHE A 224 -13.63 22.44 -11.87
N GLY A 225 -14.89 22.42 -11.45
CA GLY A 225 -15.95 21.94 -12.33
C GLY A 225 -16.05 20.48 -12.74
N TYR A 226 -15.61 19.55 -11.88
CA TYR A 226 -15.73 18.14 -12.22
C TYR A 226 -17.18 17.71 -12.02
N LYS A 227 -17.67 16.84 -12.88
CA LYS A 227 -19.06 16.39 -12.80
C LYS A 227 -19.30 15.18 -11.91
N THR A 228 -18.21 14.52 -11.49
CA THR A 228 -18.34 13.35 -10.64
C THR A 228 -19.12 13.68 -9.36
N ILE A 229 -20.12 12.87 -9.05
CA ILE A 229 -20.93 13.06 -7.86
C ILE A 229 -20.14 12.69 -6.60
N VAL A 230 -20.19 13.56 -5.58
CA VAL A 230 -19.50 13.33 -4.32
C VAL A 230 -20.47 12.80 -3.28
N MET A 231 -20.25 11.55 -2.85
CA MET A 231 -21.12 10.92 -1.85
C MET A 231 -20.36 10.43 -0.63
N GLY A 232 -20.44 11.18 0.47
CA GLY A 232 -19.76 10.78 1.68
C GLY A 232 -20.34 9.46 2.17
N ALA A 233 -19.48 8.54 2.59
CA ALA A 233 -19.90 7.24 3.07
C ALA A 233 -19.13 6.82 4.32
N SER A 234 -19.67 5.85 5.06
CA SER A 234 -19.06 5.36 6.29
C SER A 234 -19.15 6.41 7.39
N PHE A 235 -20.09 6.22 8.31
CA PHE A 235 -20.28 7.17 9.40
C PHE A 235 -20.32 6.54 10.79
N ARG A 236 -19.69 7.21 11.74
CA ARG A 236 -19.65 6.74 13.13
C ARG A 236 -20.64 7.48 14.02
N ASN A 237 -21.06 8.66 13.60
CA ASN A 237 -22.02 9.47 14.37
C ASN A 237 -22.72 10.48 13.48
N THR A 238 -23.84 11.03 13.96
CA THR A 238 -24.60 12.02 13.20
C THR A 238 -23.85 13.35 13.09
N GLY A 239 -22.90 13.55 13.99
CA GLY A 239 -22.11 14.78 13.96
C GLY A 239 -21.35 14.91 12.65
N GLU A 240 -20.76 13.80 12.19
CA GLU A 240 -20.01 13.80 10.94
C GLU A 240 -20.95 14.07 9.77
N ILE A 241 -22.11 13.43 9.79
CA ILE A 241 -23.10 13.57 8.73
C ILE A 241 -23.59 14.99 8.58
N LYS A 242 -23.93 15.62 9.70
CA LYS A 242 -24.44 16.99 9.68
C LYS A 242 -23.36 17.95 9.17
N ALA A 243 -22.12 17.69 9.58
CA ALA A 243 -20.99 18.52 9.18
C ALA A 243 -20.73 18.46 7.68
N LEU A 244 -21.38 17.52 7.00
CA LEU A 244 -21.22 17.39 5.55
C LEU A 244 -22.49 17.76 4.80
N ALA A 245 -23.43 18.40 5.49
CA ALA A 245 -24.67 18.82 4.84
C ALA A 245 -24.29 19.76 3.71
N GLY A 246 -24.85 19.52 2.52
CA GLY A 246 -24.51 20.33 1.37
C GLY A 246 -23.76 19.47 0.37
N CYS A 247 -23.20 18.36 0.84
CA CYS A 247 -22.48 17.44 -0.01
C CYS A 247 -23.53 16.91 -1.00
N ASP A 248 -23.14 16.62 -2.24
CA ASP A 248 -24.08 16.13 -3.25
C ASP A 248 -24.97 15.01 -2.71
N PHE A 249 -24.34 13.95 -2.22
CA PHE A 249 -25.05 12.80 -1.69
C PHE A 249 -24.37 12.34 -0.40
N LEU A 250 -25.10 11.57 0.39
CA LEU A 250 -24.59 10.99 1.62
C LEU A 250 -25.30 9.66 1.84
N THR A 251 -24.54 8.56 1.90
CA THR A 251 -25.15 7.26 2.12
C THR A 251 -24.98 6.95 3.61
N ILE A 252 -26.11 6.70 4.27
CA ILE A 252 -26.15 6.46 5.70
C ILE A 252 -26.81 5.14 6.09
N SER A 253 -26.31 4.53 7.16
CA SER A 253 -26.88 3.26 7.65
C SER A 253 -28.28 3.51 8.19
N PRO A 254 -29.14 2.46 8.19
CA PRO A 254 -30.50 2.62 8.70
C PRO A 254 -30.50 3.10 10.15
N LYS A 255 -29.48 2.70 10.91
CA LYS A 255 -29.38 3.09 12.32
C LYS A 255 -29.18 4.60 12.50
N LEU A 256 -28.24 5.17 11.76
CA LEU A 256 -27.97 6.59 11.87
C LEU A 256 -29.09 7.41 11.22
N LEU A 257 -29.78 6.82 10.26
CA LEU A 257 -30.90 7.52 9.62
C LEU A 257 -32.00 7.67 10.67
N GLY A 258 -32.14 6.66 11.52
CA GLY A 258 -33.13 6.70 12.58
C GLY A 258 -32.79 7.81 13.56
N GLU A 259 -31.51 7.92 13.88
CA GLU A 259 -31.06 8.95 14.81
C GLU A 259 -31.35 10.35 14.25
N LEU A 260 -31.14 10.52 12.95
CA LEU A 260 -31.40 11.81 12.31
C LEU A 260 -32.89 12.14 12.33
N LEU A 261 -33.72 11.11 12.15
CA LEU A 261 -35.17 11.30 12.16
C LEU A 261 -35.66 11.73 13.55
N LYS A 262 -35.04 11.18 14.59
CA LYS A 262 -35.42 11.51 15.96
C LYS A 262 -34.84 12.84 16.42
N ASP A 263 -33.74 13.24 15.78
CA ASP A 263 -33.07 14.49 16.12
C ASP A 263 -33.82 15.69 15.56
N ASN A 264 -34.05 16.71 16.40
CA ASN A 264 -34.74 17.90 15.93
C ASN A 264 -33.94 19.18 16.11
N SER A 265 -32.62 19.06 16.15
CA SER A 265 -31.76 20.24 16.29
C SER A 265 -31.69 20.93 14.94
N LYS A 266 -31.33 22.20 14.92
CA LYS A 266 -31.26 22.95 13.67
C LYS A 266 -29.98 22.63 12.91
N LEU A 267 -30.11 22.44 11.60
CA LEU A 267 -28.96 22.11 10.76
C LEU A 267 -28.65 23.16 9.71
N ALA A 268 -27.37 23.44 9.51
CA ALA A 268 -26.96 24.42 8.50
C ALA A 268 -26.00 23.74 7.53
N PRO A 269 -26.16 24.02 6.22
CA PRO A 269 -25.25 23.40 5.25
C PRO A 269 -23.83 23.88 5.50
N ALA A 270 -22.85 23.00 5.32
CA ALA A 270 -21.45 23.35 5.53
C ALA A 270 -20.68 23.36 4.22
N LEU A 271 -21.24 22.74 3.19
CA LEU A 271 -20.61 22.67 1.88
C LEU A 271 -21.50 23.26 0.80
N SER A 272 -20.90 24.00 -0.13
CA SER A 272 -21.66 24.58 -1.23
C SER A 272 -20.75 24.84 -2.42
N VAL A 273 -21.32 24.75 -3.63
CA VAL A 273 -20.56 24.98 -4.84
C VAL A 273 -19.97 26.39 -4.86
N LYS A 274 -20.77 27.34 -4.38
CA LYS A 274 -20.35 28.74 -4.35
C LYS A 274 -19.11 28.93 -3.48
N ALA A 275 -19.16 28.43 -2.25
CA ALA A 275 -18.05 28.56 -1.31
C ALA A 275 -16.79 27.84 -1.82
N ALA A 276 -17.00 26.72 -2.51
CA ALA A 276 -15.90 25.94 -3.03
C ALA A 276 -15.01 26.74 -3.99
N GLN A 277 -15.58 27.76 -4.63
CA GLN A 277 -14.82 28.58 -5.57
C GLN A 277 -13.65 29.33 -4.97
N THR A 278 -13.71 29.60 -3.66
CA THR A 278 -12.63 30.32 -3.00
C THR A 278 -11.77 29.42 -2.12
N SER A 279 -11.99 28.11 -2.21
CA SER A 279 -11.21 27.16 -1.42
C SER A 279 -9.75 27.18 -1.87
N ASP A 280 -8.85 26.84 -0.95
CA ASP A 280 -7.42 26.84 -1.21
C ASP A 280 -6.90 25.55 -1.84
N SER A 281 -6.50 25.64 -3.11
CA SER A 281 -5.98 24.49 -3.83
C SER A 281 -5.62 24.81 -5.28
N GLU A 282 -4.71 24.02 -5.84
CA GLU A 282 -4.31 24.20 -7.23
C GLU A 282 -4.73 22.94 -7.97
N LYS A 283 -5.10 23.08 -9.24
CA LYS A 283 -5.51 21.93 -10.03
C LYS A 283 -4.27 21.14 -10.42
N ILE A 284 -4.34 19.82 -10.24
CA ILE A 284 -3.22 18.96 -10.60
C ILE A 284 -3.65 17.81 -11.47
N HIS A 285 -2.68 17.20 -12.14
CA HIS A 285 -2.91 16.05 -12.99
C HIS A 285 -2.03 14.92 -12.48
N LEU A 286 -2.56 13.71 -12.50
CA LEU A 286 -1.78 12.57 -12.02
C LEU A 286 -1.72 11.43 -13.01
N ASP A 287 -0.51 11.07 -13.43
CA ASP A 287 -0.36 9.91 -14.30
C ASP A 287 -0.21 8.80 -13.26
N GLU A 288 -0.06 7.54 -13.68
CA GLU A 288 0.04 6.46 -12.70
C GLU A 288 1.11 6.62 -11.62
N LYS A 289 2.34 6.88 -12.02
CA LYS A 289 3.42 7.01 -11.04
C LYS A 289 3.22 8.18 -10.07
N ALA A 290 2.68 9.29 -10.57
CA ALA A 290 2.44 10.45 -9.71
C ALA A 290 1.34 10.10 -8.70
N PHE A 291 0.35 9.34 -9.15
CA PHE A 291 -0.74 8.93 -8.28
C PHE A 291 -0.20 8.03 -7.16
N ARG A 292 0.54 7.00 -7.55
CA ARG A 292 1.09 6.07 -6.57
C ARG A 292 1.93 6.79 -5.52
N TRP A 293 2.68 7.80 -5.93
CA TRP A 293 3.48 8.55 -4.98
C TRP A 293 2.63 9.39 -4.03
N LEU A 294 1.74 10.21 -4.58
CA LEU A 294 0.89 11.06 -3.75
C LEU A 294 -0.01 10.27 -2.79
N HIS A 295 -0.45 9.09 -3.23
CA HIS A 295 -1.29 8.24 -2.41
C HIS A 295 -0.46 7.70 -1.23
N ASN A 296 0.77 7.29 -1.53
CA ASN A 296 1.66 6.76 -0.50
C ASN A 296 2.00 7.77 0.58
N GLU A 297 1.91 9.05 0.23
CA GLU A 297 2.21 10.13 1.18
C GLU A 297 1.15 10.21 2.26
N ASP A 298 0.03 9.54 2.03
CA ASP A 298 -1.08 9.53 2.98
C ASP A 298 -1.10 8.17 3.69
N GLN A 299 -0.43 8.07 4.83
CA GLN A 299 -0.38 6.81 5.58
C GLN A 299 -1.75 6.20 5.87
N MET A 300 -2.66 7.01 6.38
CA MET A 300 -4.00 6.53 6.70
C MET A 300 -4.65 5.89 5.48
N ALA A 301 -4.59 6.59 4.34
CA ALA A 301 -5.19 6.11 3.10
C ALA A 301 -4.58 4.79 2.62
N VAL A 302 -3.25 4.70 2.63
CA VAL A 302 -2.58 3.48 2.19
C VAL A 302 -3.08 2.30 3.02
N GLU A 303 -3.08 2.48 4.33
CA GLU A 303 -3.51 1.43 5.22
C GLU A 303 -5.00 1.09 5.15
N LYS A 304 -5.88 2.09 5.04
CA LYS A 304 -7.31 1.82 4.97
C LYS A 304 -7.76 1.22 3.64
N LEU A 305 -7.16 1.66 2.54
CA LEU A 305 -7.53 1.11 1.25
C LEU A 305 -7.14 -0.37 1.24
N SER A 306 -5.91 -0.64 1.67
CA SER A 306 -5.37 -1.99 1.72
C SER A 306 -6.19 -2.91 2.62
N ASP A 307 -6.54 -2.44 3.81
CA ASP A 307 -7.32 -3.25 4.74
C ASP A 307 -8.75 -3.43 4.25
N GLY A 308 -9.32 -2.37 3.69
CA GLY A 308 -10.68 -2.44 3.19
C GLY A 308 -10.82 -3.52 2.13
N ILE A 309 -9.77 -3.67 1.31
CA ILE A 309 -9.76 -4.67 0.27
C ILE A 309 -9.72 -6.06 0.90
N ARG A 310 -8.83 -6.26 1.87
CA ARG A 310 -8.74 -7.56 2.52
C ARG A 310 -10.08 -7.91 3.19
N LYS A 311 -10.69 -6.93 3.84
CA LYS A 311 -11.96 -7.16 4.53
C LYS A 311 -13.08 -7.59 3.58
N PHE A 312 -13.25 -6.88 2.46
CA PHE A 312 -14.30 -7.25 1.51
C PHE A 312 -14.01 -8.59 0.83
N ALA A 313 -12.74 -8.93 0.70
CA ALA A 313 -12.37 -10.20 0.08
C ALA A 313 -12.78 -11.30 1.05
N ALA A 314 -12.57 -11.04 2.35
CA ALA A 314 -12.92 -11.99 3.38
C ALA A 314 -14.43 -12.21 3.39
N ASP A 315 -15.21 -11.17 3.08
CA ASP A 315 -16.66 -11.29 3.06
C ASP A 315 -17.13 -12.10 1.85
N ALA A 316 -16.41 -11.96 0.73
CA ALA A 316 -16.76 -12.69 -0.48
C ALA A 316 -16.49 -14.17 -0.23
N ILE A 317 -15.35 -14.45 0.40
CA ILE A 317 -14.94 -15.82 0.71
C ILE A 317 -15.92 -16.48 1.68
N LYS A 318 -16.39 -15.72 2.67
CA LYS A 318 -17.32 -16.25 3.65
C LYS A 318 -18.68 -16.52 3.02
N LEU A 319 -19.07 -15.68 2.06
CA LEU A 319 -20.35 -15.86 1.38
C LEU A 319 -20.28 -17.05 0.43
N GLU A 320 -19.12 -17.26 -0.18
CA GLU A 320 -18.96 -18.38 -1.09
C GLU A 320 -19.03 -19.68 -0.29
N ARG A 321 -18.42 -19.68 0.88
CA ARG A 321 -18.42 -20.84 1.76
C ARG A 321 -19.86 -21.19 2.13
N MET A 322 -20.62 -20.18 2.52
CA MET A 322 -22.02 -20.38 2.91
C MET A 322 -22.81 -21.03 1.77
N LEU A 323 -22.57 -20.57 0.56
CA LEU A 323 -23.26 -21.10 -0.61
C LEU A 323 -22.84 -22.53 -0.96
N THR A 324 -21.53 -22.79 -1.01
CA THR A 324 -21.04 -24.11 -1.33
C THR A 324 -21.59 -25.15 -0.36
N GLU A 325 -21.72 -24.76 0.90
CA GLU A 325 -22.23 -25.67 1.93
C GLU A 325 -23.71 -25.99 1.70
N ARG A 326 -24.42 -25.09 1.02
CA ARG A 326 -25.84 -25.29 0.75
C ARG A 326 -26.11 -25.80 -0.66
N MET A 327 -25.10 -25.77 -1.51
CA MET A 327 -25.26 -26.21 -2.89
C MET A 327 -24.69 -27.60 -3.14
N PHE A 328 -23.67 -27.99 -2.38
CA PHE A 328 -23.05 -29.30 -2.56
C PHE A 328 -22.84 -30.02 -1.24
N SER A 329 -22.74 -31.35 -1.31
CA SER A 329 -22.54 -32.18 -0.13
C SER A 329 -21.20 -31.89 0.55
N MET B 8 39.24 -19.84 21.33
CA MET B 8 37.94 -19.25 21.76
C MET B 8 37.58 -18.04 20.89
N GLU B 9 36.70 -18.26 19.92
CA GLU B 9 36.27 -17.21 19.00
C GLU B 9 34.97 -16.54 19.41
N SER B 10 34.87 -15.24 19.14
CA SER B 10 33.67 -14.46 19.47
C SER B 10 32.52 -14.92 18.57
N ALA B 11 31.31 -14.55 18.94
CA ALA B 11 30.14 -14.91 18.15
C ALA B 11 30.26 -14.31 16.75
N LEU B 12 30.90 -13.14 16.66
CA LEU B 12 31.08 -12.49 15.37
C LEU B 12 32.00 -13.32 14.47
N ASP B 13 33.10 -13.81 15.04
CA ASP B 13 34.04 -14.62 14.27
C ASP B 13 33.42 -15.95 13.86
N GLN B 14 32.59 -16.52 14.73
CA GLN B 14 31.93 -17.78 14.42
C GLN B 14 30.91 -17.58 13.32
N LEU B 15 30.11 -16.52 13.45
CA LEU B 15 29.08 -16.19 12.47
C LEU B 15 29.68 -16.15 11.06
N LYS B 16 30.86 -15.56 10.94
CA LYS B 16 31.54 -15.45 9.65
C LYS B 16 31.86 -16.80 9.00
N GLN B 17 31.85 -17.86 9.79
CA GLN B 17 32.13 -19.19 9.26
C GLN B 17 30.93 -19.70 8.47
N PHE B 18 29.74 -19.21 8.83
CA PHE B 18 28.50 -19.66 8.18
C PHE B 18 27.79 -18.60 7.37
N THR B 19 28.19 -17.34 7.56
CA THR B 19 27.55 -16.22 6.89
C THR B 19 28.55 -15.11 6.60
N THR B 20 28.38 -14.42 5.46
CA THR B 20 29.27 -13.32 5.13
C THR B 20 28.77 -12.08 5.87
N VAL B 21 29.63 -11.50 6.70
CA VAL B 21 29.25 -10.34 7.48
C VAL B 21 29.39 -9.02 6.73
N VAL B 22 28.38 -8.17 6.89
CA VAL B 22 28.32 -6.86 6.25
C VAL B 22 28.04 -5.81 7.31
N ALA B 23 28.72 -4.67 7.22
CA ALA B 23 28.53 -3.60 8.20
C ALA B 23 27.50 -2.60 7.67
N ASP B 24 26.47 -2.35 8.47
CA ASP B 24 25.40 -1.43 8.08
C ASP B 24 25.70 -0.04 8.65
N THR B 25 26.40 0.80 7.88
CA THR B 25 26.72 2.14 8.37
C THR B 25 27.43 3.04 7.37
N GLY B 26 27.34 4.34 7.62
CA GLY B 26 28.01 5.32 6.78
C GLY B 26 29.24 5.82 7.52
N ASP B 27 29.31 5.48 8.81
CA ASP B 27 30.42 5.84 9.69
C ASP B 27 31.59 4.91 9.36
N PHE B 28 32.23 5.13 8.22
CA PHE B 28 33.30 4.25 7.78
C PHE B 28 34.52 4.08 8.68
N ASN B 29 34.76 5.03 9.59
CA ASN B 29 35.90 4.92 10.50
C ASN B 29 35.69 3.80 11.52
N ALA B 30 34.44 3.39 11.69
CA ALA B 30 34.11 2.33 12.65
C ALA B 30 33.96 0.94 12.03
N ILE B 31 34.18 0.86 10.72
CA ILE B 31 34.04 -0.40 10.00
C ILE B 31 35.16 -1.42 10.16
N ASP B 32 36.41 -0.99 9.97
CA ASP B 32 37.54 -1.90 10.06
C ASP B 32 37.63 -2.76 11.31
N GLU B 33 37.17 -2.24 12.45
CA GLU B 33 37.23 -3.02 13.68
C GLU B 33 36.49 -4.35 13.59
N TYR B 34 35.49 -4.42 12.72
CA TYR B 34 34.70 -5.63 12.56
C TYR B 34 35.04 -6.45 11.33
N LYS B 35 36.05 -6.01 10.59
CA LYS B 35 36.51 -6.69 9.38
C LYS B 35 35.39 -7.35 8.57
N PRO B 36 34.44 -6.55 8.05
CA PRO B 36 33.34 -7.10 7.25
C PRO B 36 33.74 -7.28 5.78
N GLN B 37 32.93 -8.02 5.03
CA GLN B 37 33.19 -8.22 3.61
C GLN B 37 32.62 -7.03 2.84
N ASP B 38 31.32 -6.81 2.99
CA ASP B 38 30.65 -5.69 2.33
C ASP B 38 30.15 -4.70 3.38
N ALA B 39 29.60 -3.59 2.91
CA ALA B 39 29.04 -2.58 3.79
C ALA B 39 27.80 -2.01 3.11
N THR B 40 26.84 -1.55 3.90
CA THR B 40 25.62 -0.99 3.35
C THR B 40 25.32 0.40 3.94
N THR B 41 24.78 1.27 3.10
CA THR B 41 24.39 2.60 3.55
C THR B 41 22.95 2.77 3.06
N ASN B 42 22.28 3.80 3.57
CA ASN B 42 20.92 4.11 3.17
C ASN B 42 20.72 5.59 3.45
N PRO B 43 19.64 6.19 2.93
CA PRO B 43 19.39 7.63 3.14
C PRO B 43 19.54 8.11 4.57
N SER B 44 19.05 7.31 5.52
CA SER B 44 19.14 7.67 6.92
C SER B 44 20.57 7.61 7.47
N LEU B 45 21.32 6.59 7.09
CA LEU B 45 22.70 6.45 7.55
C LEU B 45 23.59 7.56 6.98
N ILE B 46 23.35 7.94 5.73
CA ILE B 46 24.15 9.00 5.12
C ILE B 46 23.82 10.33 5.80
N LEU B 47 22.53 10.55 6.06
CA LEU B 47 22.11 11.78 6.72
C LEU B 47 22.77 11.89 8.10
N ALA B 48 22.78 10.79 8.85
CA ALA B 48 23.39 10.79 10.17
C ALA B 48 24.91 11.02 10.10
N ALA B 49 25.56 10.39 9.13
CA ALA B 49 27.01 10.52 8.98
C ALA B 49 27.40 11.92 8.52
N ALA B 50 26.60 12.50 7.63
CA ALA B 50 26.89 13.83 7.12
C ALA B 50 26.78 14.89 8.21
N GLN B 51 26.27 14.49 9.37
CA GLN B 51 26.13 15.41 10.49
C GLN B 51 27.23 15.24 11.52
N MET B 52 28.13 14.28 11.29
CA MET B 52 29.23 14.04 12.21
C MET B 52 30.42 14.91 11.82
N PRO B 53 31.07 15.54 12.83
CA PRO B 53 32.24 16.39 12.57
C PRO B 53 33.34 15.70 11.79
N ALA B 54 33.53 14.42 12.08
CA ALA B 54 34.56 13.62 11.43
C ALA B 54 34.43 13.51 9.92
N TYR B 55 33.24 13.75 9.40
CA TYR B 55 33.04 13.63 7.96
C TYR B 55 32.65 14.93 7.24
N GLN B 56 32.90 16.07 7.88
CA GLN B 56 32.56 17.34 7.26
C GLN B 56 33.29 17.61 5.96
N GLU B 57 34.49 17.05 5.78
CA GLU B 57 35.23 17.28 4.54
C GLU B 57 34.49 16.68 3.35
N LEU B 58 33.78 15.59 3.58
CA LEU B 58 33.01 14.96 2.50
C LEU B 58 31.86 15.87 2.12
N VAL B 59 31.16 16.40 3.13
CA VAL B 59 30.04 17.30 2.89
C VAL B 59 30.54 18.51 2.10
N GLU B 60 31.69 19.04 2.50
CA GLU B 60 32.28 20.19 1.83
C GLU B 60 32.63 19.88 0.39
N GLU B 61 33.16 18.69 0.13
CA GLU B 61 33.54 18.31 -1.23
C GLU B 61 32.29 18.14 -2.09
N ALA B 62 31.22 17.60 -1.49
CA ALA B 62 29.98 17.41 -2.21
C ALA B 62 29.42 18.78 -2.60
N ILE B 63 29.43 19.69 -1.64
CA ILE B 63 28.95 21.05 -1.88
C ILE B 63 29.74 21.75 -3.00
N ALA B 64 31.07 21.64 -2.95
CA ALA B 64 31.93 22.25 -3.95
C ALA B 64 31.68 21.66 -5.34
N TYR B 65 31.39 20.36 -5.38
CA TYR B 65 31.13 19.66 -6.63
C TYR B 65 29.86 20.20 -7.28
N GLY B 66 28.83 20.37 -6.47
CA GLY B 66 27.57 20.88 -6.99
C GLY B 66 27.69 22.33 -7.44
N LYS B 67 28.38 23.15 -6.64
CA LYS B 67 28.56 24.55 -6.97
C LYS B 67 29.37 24.72 -8.25
N LYS B 68 30.45 23.95 -8.37
CA LYS B 68 31.32 24.01 -9.54
C LYS B 68 30.56 23.75 -10.83
N LEU B 69 29.67 22.75 -10.82
CA LEU B 69 28.90 22.42 -12.01
C LEU B 69 27.82 23.47 -12.27
N GLY B 70 27.42 24.18 -11.22
CA GLY B 70 26.42 25.23 -11.34
C GLY B 70 25.03 24.84 -11.81
N GLY B 71 24.25 25.85 -12.14
CA GLY B 71 22.87 25.64 -12.59
C GLY B 71 21.89 26.02 -11.50
N PRO B 72 20.59 25.81 -11.72
CA PRO B 72 19.60 26.16 -10.69
C PRO B 72 19.80 25.32 -9.42
N GLN B 73 19.13 25.68 -8.33
CA GLN B 73 19.29 24.94 -7.09
C GLN B 73 19.03 23.43 -7.24
N GLU B 74 17.96 23.08 -7.94
CA GLU B 74 17.61 21.68 -8.14
C GLU B 74 18.81 20.89 -8.67
N GLU B 75 19.44 21.41 -9.71
CA GLU B 75 20.58 20.76 -10.32
C GLU B 75 21.76 20.66 -9.36
N GLN B 76 22.10 21.77 -8.72
CA GLN B 76 23.22 21.79 -7.79
C GLN B 76 23.02 20.86 -6.61
N ILE B 77 21.79 20.80 -6.09
CA ILE B 77 21.48 19.93 -4.96
C ILE B 77 21.58 18.46 -5.36
N LYS B 78 21.06 18.12 -6.55
CA LYS B 78 21.10 16.75 -7.02
C LYS B 78 22.55 16.29 -7.16
N ASN B 79 23.39 17.16 -7.71
CA ASN B 79 24.81 16.86 -7.88
C ASN B 79 25.51 16.69 -6.53
N ALA B 80 25.24 17.58 -5.59
CA ALA B 80 25.87 17.50 -4.28
C ALA B 80 25.42 16.31 -3.45
N ILE B 81 24.12 16.03 -3.42
CA ILE B 81 23.65 14.90 -2.62
C ILE B 81 24.07 13.56 -3.23
N ASP B 82 24.10 13.46 -4.55
CA ASP B 82 24.53 12.22 -5.17
C ASP B 82 26.04 12.08 -4.97
N LYS B 83 26.75 13.20 -5.12
CA LYS B 83 28.20 13.18 -4.94
C LYS B 83 28.53 12.77 -3.51
N LEU B 84 27.74 13.27 -2.56
CA LEU B 84 27.95 12.94 -1.15
C LEU B 84 27.79 11.44 -0.92
N PHE B 85 26.71 10.87 -1.48
CA PHE B 85 26.47 9.44 -1.34
C PHE B 85 27.66 8.64 -1.88
N VAL B 86 28.18 9.09 -3.02
CA VAL B 86 29.33 8.43 -3.66
C VAL B 86 30.63 8.58 -2.87
N LEU B 87 30.84 9.77 -2.28
CA LEU B 87 32.04 10.02 -1.48
C LEU B 87 32.10 9.07 -0.28
N PHE B 88 30.97 8.88 0.39
CA PHE B 88 30.93 7.97 1.53
C PHE B 88 31.19 6.55 1.01
N GLY B 89 30.57 6.23 -0.12
CA GLY B 89 30.75 4.92 -0.71
C GLY B 89 32.22 4.64 -1.02
N ALA B 90 32.89 5.61 -1.63
CA ALA B 90 34.31 5.45 -1.97
C ALA B 90 35.19 5.29 -0.73
N GLU B 91 34.93 6.08 0.31
CA GLU B 91 35.72 5.98 1.55
C GLU B 91 35.50 4.62 2.20
N ILE B 92 34.27 4.13 2.10
CA ILE B 92 33.91 2.84 2.67
C ILE B 92 34.66 1.71 1.96
N LEU B 93 34.71 1.79 0.63
CA LEU B 93 35.40 0.77 -0.16
C LEU B 93 36.87 0.66 0.19
N LYS B 94 37.45 1.75 0.69
CA LYS B 94 38.86 1.74 1.07
C LYS B 94 39.04 1.00 2.38
N LYS B 95 37.95 0.78 3.11
CA LYS B 95 38.00 0.08 4.39
C LYS B 95 37.60 -1.38 4.27
N ILE B 96 37.05 -1.77 3.13
CA ILE B 96 36.62 -3.15 2.95
C ILE B 96 37.11 -3.79 1.66
N PRO B 97 37.07 -5.13 1.58
CA PRO B 97 37.53 -5.81 0.37
C PRO B 97 36.38 -6.06 -0.60
N GLY B 98 35.15 -5.91 -0.11
CA GLY B 98 33.99 -6.16 -0.94
C GLY B 98 33.25 -5.00 -1.59
N ARG B 99 31.92 -5.10 -1.58
CA ARG B 99 31.04 -4.12 -2.19
C ARG B 99 30.40 -3.17 -1.18
N VAL B 100 29.87 -2.07 -1.69
CA VAL B 100 29.18 -1.09 -0.86
C VAL B 100 27.82 -0.82 -1.51
N SER B 101 26.78 -0.74 -0.70
CA SER B 101 25.45 -0.46 -1.22
C SER B 101 25.13 1.03 -1.07
N THR B 102 24.57 1.60 -2.13
CA THR B 102 24.19 3.02 -2.18
C THR B 102 22.74 3.07 -2.68
N GLU B 103 21.88 3.74 -1.93
CA GLU B 103 20.47 3.81 -2.28
C GLU B 103 20.03 5.02 -3.09
N VAL B 104 19.11 4.77 -4.01
CA VAL B 104 18.53 5.80 -4.86
C VAL B 104 17.46 6.52 -4.04
N ASP B 105 17.32 7.82 -4.28
CA ASP B 105 16.33 8.66 -3.59
C ASP B 105 14.97 7.94 -3.54
N ALA B 106 14.44 7.73 -2.34
CA ALA B 106 13.16 7.04 -2.17
C ALA B 106 11.96 7.71 -2.85
N ARG B 107 12.07 9.00 -3.14
CA ARG B 107 10.97 9.71 -3.79
C ARG B 107 10.72 9.18 -5.20
N LEU B 108 11.63 8.36 -5.71
CA LEU B 108 11.50 7.77 -7.05
C LEU B 108 10.95 6.35 -7.03
N SER B 109 10.60 5.86 -5.83
CA SER B 109 10.12 4.50 -5.66
C SER B 109 8.99 3.98 -6.55
N PHE B 110 8.16 4.87 -7.10
CA PHE B 110 7.06 4.43 -7.95
C PHE B 110 7.30 4.82 -9.41
N ASP B 111 8.51 5.27 -9.70
CA ASP B 111 8.89 5.69 -11.05
C ASP B 111 10.00 4.78 -11.57
N LYS B 112 9.64 3.73 -12.30
CA LYS B 112 10.65 2.80 -12.80
C LYS B 112 11.77 3.46 -13.61
N ASP B 113 11.40 4.17 -14.66
CA ASP B 113 12.40 4.82 -15.51
C ASP B 113 13.31 5.81 -14.77
N ALA B 114 12.78 6.51 -13.77
CA ALA B 114 13.60 7.46 -13.02
C ALA B 114 14.62 6.74 -12.14
N MET B 115 14.24 5.59 -11.59
CA MET B 115 15.16 4.82 -10.75
C MET B 115 16.28 4.23 -11.62
N VAL B 116 15.93 3.78 -12.81
CA VAL B 116 16.94 3.22 -13.72
C VAL B 116 17.95 4.31 -14.09
N ALA B 117 17.45 5.51 -14.39
CA ALA B 117 18.33 6.62 -14.76
C ALA B 117 19.21 7.07 -13.58
N ARG B 118 18.60 7.20 -12.41
CA ARG B 118 19.32 7.65 -11.21
C ARG B 118 20.39 6.62 -10.82
N ALA B 119 20.08 5.34 -10.99
CA ALA B 119 21.01 4.28 -10.68
C ALA B 119 22.20 4.38 -11.63
N ARG B 120 21.90 4.55 -12.92
CA ARG B 120 22.96 4.66 -13.92
C ARG B 120 23.81 5.91 -13.67
N ARG B 121 23.16 6.98 -13.18
CA ARG B 121 23.85 8.23 -12.88
C ARG B 121 24.83 8.01 -11.72
N LEU B 122 24.36 7.35 -10.67
CA LEU B 122 25.22 7.06 -9.52
C LEU B 122 26.44 6.24 -9.96
N ILE B 123 26.22 5.28 -10.86
CA ILE B 123 27.34 4.48 -11.34
C ILE B 123 28.35 5.35 -12.09
N GLU B 124 27.86 6.29 -12.89
CA GLU B 124 28.76 7.18 -13.62
C GLU B 124 29.57 8.04 -12.66
N LEU B 125 28.94 8.48 -11.57
CA LEU B 125 29.64 9.30 -10.58
C LEU B 125 30.72 8.49 -9.90
N TYR B 126 30.44 7.22 -9.64
CA TYR B 126 31.42 6.36 -9.00
C TYR B 126 32.60 6.20 -9.94
N LYS B 127 32.31 5.95 -11.21
CA LYS B 127 33.34 5.80 -12.24
C LYS B 127 34.18 7.08 -12.28
N GLU B 128 33.51 8.23 -12.23
CA GLU B 128 34.20 9.51 -12.24
C GLU B 128 35.14 9.59 -11.05
N ALA B 129 34.79 8.88 -9.98
CA ALA B 129 35.59 8.85 -8.77
C ALA B 129 36.58 7.68 -8.77
N GLY B 130 36.70 7.01 -9.91
CA GLY B 130 37.62 5.90 -10.03
C GLY B 130 37.16 4.58 -9.46
N VAL B 131 35.85 4.36 -9.37
CA VAL B 131 35.29 3.13 -8.83
C VAL B 131 34.46 2.38 -9.87
N GLY B 132 34.81 1.13 -10.12
CA GLY B 132 34.09 0.32 -11.09
C GLY B 132 32.78 -0.20 -10.52
N LYS B 133 31.79 -0.40 -11.38
CA LYS B 133 30.49 -0.84 -10.93
C LYS B 133 30.49 -2.21 -10.24
N ASP B 134 31.53 -2.99 -10.45
CA ASP B 134 31.62 -4.32 -9.84
C ASP B 134 31.70 -4.25 -8.31
N ARG B 135 32.10 -3.11 -7.76
CA ARG B 135 32.17 -2.99 -6.31
C ARG B 135 30.97 -2.26 -5.74
N ILE B 136 29.96 -2.01 -6.59
CA ILE B 136 28.78 -1.29 -6.14
C ILE B 136 27.48 -2.09 -6.24
N LEU B 137 26.59 -1.85 -5.30
CA LEU B 137 25.27 -2.44 -5.28
C LEU B 137 24.34 -1.25 -5.15
N ILE B 138 23.47 -1.04 -6.14
CA ILE B 138 22.52 0.08 -6.07
C ILE B 138 21.29 -0.42 -5.32
N LYS B 139 20.91 0.28 -4.26
CA LYS B 139 19.74 -0.11 -3.48
C LYS B 139 18.48 0.57 -3.96
N LEU B 140 17.43 -0.22 -4.14
CA LEU B 140 16.14 0.27 -4.61
C LEU B 140 15.02 -0.22 -3.70
N SER B 141 13.99 0.60 -3.52
CA SER B 141 12.85 0.20 -2.71
C SER B 141 12.20 -0.95 -3.47
N SER B 142 11.78 -1.98 -2.76
CA SER B 142 11.19 -3.14 -3.40
C SER B 142 9.71 -3.02 -3.77
N THR B 143 9.34 -1.92 -4.42
CA THR B 143 7.98 -1.74 -4.89
C THR B 143 7.98 -2.52 -6.19
N TRP B 144 6.82 -2.71 -6.81
CA TRP B 144 6.81 -3.43 -8.08
C TRP B 144 7.69 -2.70 -9.07
N GLU B 145 7.56 -1.37 -9.10
CA GLU B 145 8.35 -0.55 -10.02
C GLU B 145 9.84 -0.67 -9.72
N GLY B 146 10.18 -0.72 -8.44
CA GLY B 146 11.58 -0.82 -8.04
C GLY B 146 12.20 -2.14 -8.44
N ILE B 147 11.42 -3.22 -8.33
CA ILE B 147 11.89 -4.54 -8.69
C ILE B 147 12.09 -4.64 -10.20
N GLN B 148 11.18 -4.05 -10.97
CA GLN B 148 11.32 -4.08 -12.42
C GLN B 148 12.50 -3.21 -12.85
N ALA B 149 12.75 -2.15 -12.09
CA ALA B 149 13.87 -1.26 -12.36
C ALA B 149 15.15 -2.09 -12.16
N GLY B 150 15.14 -2.90 -11.10
CA GLY B 150 16.28 -3.74 -10.81
C GLY B 150 16.53 -4.74 -11.93
N LYS B 151 15.46 -5.34 -12.42
CA LYS B 151 15.58 -6.32 -13.51
C LYS B 151 16.18 -5.64 -14.74
N GLU B 152 15.74 -4.41 -15.01
CA GLU B 152 16.24 -3.66 -16.15
C GLU B 152 17.72 -3.31 -15.97
N LEU B 153 18.08 -2.85 -14.79
CA LEU B 153 19.47 -2.48 -14.50
C LEU B 153 20.42 -3.67 -14.64
N GLU B 154 20.01 -4.82 -14.11
CA GLU B 154 20.81 -6.02 -14.19
C GLU B 154 20.96 -6.51 -15.62
N GLU B 155 19.84 -6.75 -16.28
CA GLU B 155 19.82 -7.28 -17.64
C GLU B 155 20.27 -6.38 -18.77
N GLN B 156 19.97 -5.08 -18.66
CA GLN B 156 20.35 -4.15 -19.73
C GLN B 156 21.62 -3.35 -19.49
N HIS B 157 22.07 -3.27 -18.24
CA HIS B 157 23.26 -2.48 -17.96
C HIS B 157 24.34 -3.16 -17.13
N GLY B 158 24.06 -4.36 -16.64
CA GLY B 158 25.04 -5.06 -15.83
C GLY B 158 25.27 -4.32 -14.52
N ILE B 159 24.26 -3.58 -14.08
CA ILE B 159 24.34 -2.85 -12.83
C ILE B 159 23.66 -3.70 -11.78
N HIS B 160 24.44 -4.11 -10.78
CA HIS B 160 23.94 -4.98 -9.72
C HIS B 160 23.17 -4.24 -8.65
N CYS B 161 22.00 -4.76 -8.32
CA CYS B 161 21.13 -4.12 -7.34
C CYS B 161 20.91 -4.88 -6.05
N ASN B 162 20.55 -4.12 -5.02
CA ASN B 162 20.26 -4.64 -3.69
C ASN B 162 18.83 -4.18 -3.43
N MET B 163 17.86 -5.08 -3.57
CA MET B 163 16.46 -4.73 -3.35
C MET B 163 16.17 -4.66 -1.84
N THR B 164 15.86 -3.47 -1.36
CA THR B 164 15.62 -3.28 0.06
C THR B 164 14.16 -3.02 0.43
N LEU B 165 13.91 -2.78 1.72
CA LEU B 165 12.55 -2.58 2.22
C LEU B 165 11.68 -3.73 1.73
N LEU B 166 12.22 -4.95 1.85
CA LEU B 166 11.53 -6.15 1.41
C LEU B 166 10.90 -6.83 2.62
N PHE B 167 9.57 -6.86 2.65
CA PHE B 167 8.83 -7.41 3.77
C PHE B 167 7.94 -8.62 3.48
N SER B 168 7.23 -8.58 2.35
CA SER B 168 6.31 -9.66 1.99
C SER B 168 6.94 -10.77 1.16
N PHE B 169 6.29 -11.92 1.18
CA PHE B 169 6.77 -13.05 0.40
C PHE B 169 6.61 -12.69 -1.07
N ALA B 170 5.57 -11.92 -1.40
CA ALA B 170 5.33 -11.50 -2.78
C ALA B 170 6.53 -10.70 -3.29
N GLN B 171 7.05 -9.79 -2.47
CA GLN B 171 8.21 -9.00 -2.86
C GLN B 171 9.39 -9.93 -3.12
N ALA B 172 9.61 -10.89 -2.23
CA ALA B 172 10.71 -11.85 -2.36
C ALA B 172 10.62 -12.65 -3.65
N VAL B 173 9.42 -13.12 -3.97
CA VAL B 173 9.20 -13.89 -5.19
C VAL B 173 9.46 -12.99 -6.41
N ALA B 174 8.92 -11.78 -6.37
CA ALA B 174 9.09 -10.85 -7.49
C ALA B 174 10.58 -10.57 -7.71
N CYS B 175 11.35 -10.43 -6.64
CA CYS B 175 12.79 -10.17 -6.76
C CYS B 175 13.53 -11.37 -7.35
N ALA B 176 13.15 -12.56 -6.92
CA ALA B 176 13.80 -13.77 -7.43
C ALA B 176 13.57 -13.85 -8.94
N GLU B 177 12.33 -13.67 -9.37
CA GLU B 177 12.00 -13.72 -10.79
C GLU B 177 12.70 -12.63 -11.58
N ALA B 178 12.97 -11.50 -10.92
CA ALA B 178 13.64 -10.39 -11.56
C ALA B 178 15.12 -10.68 -11.78
N GLY B 179 15.65 -11.64 -11.02
CA GLY B 179 17.06 -12.00 -11.14
C GLY B 179 18.02 -10.96 -10.59
N VAL B 180 17.62 -10.25 -9.53
CA VAL B 180 18.48 -9.23 -8.95
C VAL B 180 19.66 -9.88 -8.23
N THR B 181 20.77 -9.15 -8.13
CA THR B 181 21.97 -9.67 -7.48
C THR B 181 21.76 -10.03 -6.02
N LEU B 182 21.09 -9.14 -5.28
CA LEU B 182 20.88 -9.38 -3.85
C LEU B 182 19.61 -8.71 -3.31
N ILE B 183 19.08 -9.28 -2.23
CA ILE B 183 17.90 -8.73 -1.58
C ILE B 183 18.21 -8.50 -0.11
N SER B 184 17.55 -7.51 0.48
CA SER B 184 17.74 -7.20 1.90
C SER B 184 16.44 -7.34 2.67
N PRO B 185 15.98 -8.59 2.89
CA PRO B 185 14.72 -8.79 3.63
C PRO B 185 14.91 -8.30 5.06
N PHE B 186 14.00 -7.46 5.51
CA PHE B 186 14.08 -6.88 6.85
C PHE B 186 13.64 -7.81 7.96
N VAL B 187 14.25 -7.64 9.13
CA VAL B 187 13.94 -8.46 10.30
C VAL B 187 13.35 -7.60 11.43
N GLY B 188 14.12 -6.61 11.86
CA GLY B 188 13.70 -5.75 12.95
C GLY B 188 12.39 -4.98 12.81
N ARG B 189 12.13 -4.41 11.64
CA ARG B 189 10.90 -3.66 11.45
C ARG B 189 9.69 -4.58 11.46
N ILE B 190 9.90 -5.86 11.14
CA ILE B 190 8.79 -6.80 11.15
C ILE B 190 8.47 -7.08 12.63
N LEU B 191 9.50 -7.21 13.45
CA LEU B 191 9.28 -7.43 14.89
C LEU B 191 8.53 -6.21 15.44
N ASP B 192 8.97 -5.02 15.03
CA ASP B 192 8.34 -3.76 15.47
C ASP B 192 6.84 -3.79 15.22
N TRP B 193 6.44 -4.14 14.01
CA TRP B 193 5.03 -4.18 13.64
C TRP B 193 4.22 -5.12 14.53
N HIS B 194 4.73 -6.34 14.72
CA HIS B 194 4.02 -7.31 15.53
C HIS B 194 3.90 -6.89 16.99
N VAL B 195 4.93 -6.25 17.53
CA VAL B 195 4.87 -5.81 18.92
C VAL B 195 3.80 -4.74 19.08
N ALA B 196 3.67 -3.87 18.09
CA ALA B 196 2.69 -2.80 18.13
C ALA B 196 1.29 -3.23 17.71
N ASN B 197 1.18 -4.23 16.85
CA ASN B 197 -0.11 -4.65 16.35
C ASN B 197 -0.69 -5.98 16.85
N THR B 198 -0.02 -6.62 17.80
CA THR B 198 -0.51 -7.89 18.35
C THR B 198 -0.32 -7.91 19.86
N ASP B 199 -0.82 -8.95 20.51
CA ASP B 199 -0.69 -9.08 21.96
C ASP B 199 0.65 -9.69 22.40
N LYS B 200 1.43 -10.18 21.43
CA LYS B 200 2.70 -10.77 21.76
C LYS B 200 3.81 -9.73 21.56
N LYS B 201 4.32 -9.23 22.68
CA LYS B 201 5.36 -8.20 22.67
C LYS B 201 6.78 -8.73 22.72
N SER B 202 6.94 -10.05 22.88
CA SER B 202 8.27 -10.64 22.93
C SER B 202 8.27 -12.02 22.31
N TYR B 203 9.39 -12.39 21.70
CA TYR B 203 9.51 -13.68 21.03
C TYR B 203 10.84 -14.36 21.25
N GLU B 204 10.87 -15.67 21.08
CA GLU B 204 12.13 -16.40 21.19
C GLU B 204 12.75 -16.16 19.82
N PRO B 205 14.08 -16.16 19.72
CA PRO B 205 14.78 -15.92 18.45
C PRO B 205 14.13 -16.57 17.22
N GLN B 206 13.98 -17.89 17.25
CA GLN B 206 13.40 -18.61 16.12
C GLN B 206 11.92 -18.28 15.90
N GLY B 207 11.31 -17.64 16.89
CA GLY B 207 9.90 -17.28 16.78
C GLY B 207 9.68 -15.84 16.36
N ASP B 208 10.77 -15.08 16.30
CA ASP B 208 10.71 -13.67 15.90
C ASP B 208 10.12 -13.62 14.48
N PRO B 209 9.04 -12.84 14.28
CA PRO B 209 8.42 -12.75 12.96
C PRO B 209 9.36 -12.32 11.83
N GLY B 210 10.32 -11.46 12.14
CA GLY B 210 11.27 -11.03 11.13
C GLY B 210 12.18 -12.20 10.78
N VAL B 211 12.57 -12.96 11.80
CA VAL B 211 13.41 -14.14 11.62
C VAL B 211 12.67 -15.16 10.76
N LYS B 212 11.38 -15.33 11.03
CA LYS B 212 10.57 -16.28 10.29
C LYS B 212 10.45 -15.85 8.82
N SER B 213 10.37 -14.55 8.59
CA SER B 213 10.25 -14.02 7.24
C SER B 213 11.48 -14.33 6.38
N VAL B 214 12.65 -14.02 6.91
CA VAL B 214 13.89 -14.27 6.19
C VAL B 214 14.07 -15.77 5.97
N THR B 215 13.72 -16.56 6.98
CA THR B 215 13.85 -18.01 6.90
C THR B 215 13.00 -18.54 5.75
N LYS B 216 11.76 -18.08 5.68
CA LYS B 216 10.84 -18.50 4.62
C LYS B 216 11.39 -18.10 3.25
N ILE B 217 11.89 -16.89 3.15
CA ILE B 217 12.45 -16.39 1.89
C ILE B 217 13.71 -17.14 1.50
N TYR B 218 14.59 -17.39 2.48
CA TYR B 218 15.84 -18.11 2.25
C TYR B 218 15.55 -19.52 1.74
N ASN B 219 14.63 -20.22 2.40
CA ASN B 219 14.32 -21.59 1.98
C ASN B 219 13.77 -21.64 0.55
N TYR B 220 12.86 -20.72 0.22
CA TYR B 220 12.28 -20.65 -1.11
C TYR B 220 13.39 -20.48 -2.17
N TYR B 221 14.25 -19.49 -1.94
CA TYR B 221 15.34 -19.19 -2.85
C TYR B 221 16.30 -20.36 -3.06
N LYS B 222 16.74 -20.98 -1.97
CA LYS B 222 17.67 -22.10 -2.07
C LYS B 222 17.01 -23.34 -2.64
N LYS B 223 15.78 -23.61 -2.24
CA LYS B 223 15.07 -24.78 -2.73
C LYS B 223 14.91 -24.76 -4.24
N PHE B 224 14.59 -23.59 -4.80
CA PHE B 224 14.39 -23.48 -6.23
C PHE B 224 15.59 -22.99 -7.04
N GLY B 225 16.74 -22.92 -6.39
CA GLY B 225 17.95 -22.53 -7.07
C GLY B 225 18.12 -21.10 -7.59
N TYR B 226 17.41 -20.14 -7.03
CA TYR B 226 17.57 -18.76 -7.48
C TYR B 226 18.95 -18.31 -7.01
N LYS B 227 19.66 -17.57 -7.85
CA LYS B 227 21.00 -17.12 -7.50
C LYS B 227 21.06 -15.83 -6.68
N THR B 228 19.95 -15.13 -6.58
CA THR B 228 19.89 -13.88 -5.81
C THR B 228 20.41 -14.10 -4.39
N ILE B 229 21.32 -13.24 -3.94
CA ILE B 229 21.89 -13.33 -2.60
C ILE B 229 20.89 -12.88 -1.54
N VAL B 230 20.76 -13.65 -0.46
CA VAL B 230 19.84 -13.31 0.62
C VAL B 230 20.63 -12.68 1.77
N MET B 231 20.35 -11.41 2.06
CA MET B 231 21.04 -10.71 3.13
C MET B 231 20.06 -10.14 4.16
N GLY B 232 19.95 -10.80 5.31
CA GLY B 232 19.06 -10.32 6.34
C GLY B 232 19.51 -8.94 6.76
N ALA B 233 18.57 -8.03 7.01
CA ALA B 233 18.90 -6.66 7.41
C ALA B 233 17.96 -6.14 8.48
N SER B 234 18.37 -5.07 9.15
CA SER B 234 17.56 -4.46 10.21
C SER B 234 17.43 -5.41 11.40
N PHE B 235 18.17 -5.13 12.46
CA PHE B 235 18.12 -5.98 13.63
C PHE B 235 17.87 -5.20 14.91
N ARG B 236 17.16 -5.82 15.83
CA ARG B 236 16.84 -5.21 17.11
C ARG B 236 17.72 -5.80 18.21
N ASN B 237 18.16 -7.03 18.00
CA ASN B 237 18.99 -7.72 18.99
C ASN B 237 19.85 -8.81 18.33
N THR B 238 20.86 -9.27 19.07
CA THR B 238 21.76 -10.30 18.55
C THR B 238 21.08 -11.66 18.43
N GLY B 239 19.98 -11.84 19.16
CA GLY B 239 19.25 -13.08 19.09
C GLY B 239 18.72 -13.34 17.69
N GLU B 240 18.23 -12.29 17.04
CA GLU B 240 17.70 -12.41 15.68
C GLU B 240 18.83 -12.77 14.71
N ILE B 241 19.98 -12.14 14.90
CA ILE B 241 21.14 -12.37 14.06
C ILE B 241 21.63 -13.81 14.17
N LYS B 242 21.76 -14.30 15.39
CA LYS B 242 22.21 -15.67 15.62
C LYS B 242 21.22 -16.66 15.01
N ALA B 243 19.93 -16.36 15.15
CA ALA B 243 18.89 -17.23 14.64
C ALA B 243 18.89 -17.31 13.11
N LEU B 244 19.72 -16.49 12.46
CA LEU B 244 19.79 -16.49 11.00
C LEU B 244 21.19 -16.85 10.50
N ALA B 245 22.04 -17.34 11.39
CA ALA B 245 23.38 -17.74 10.96
C ALA B 245 23.17 -18.83 9.91
N GLY B 246 23.96 -18.78 8.84
CA GLY B 246 23.82 -19.74 7.77
C GLY B 246 23.24 -19.02 6.58
N CYS B 247 22.62 -17.87 6.83
CA CYS B 247 22.05 -17.05 5.77
C CYS B 247 23.25 -16.60 4.95
N ASP B 248 23.06 -16.40 3.64
CA ASP B 248 24.16 -15.99 2.77
C ASP B 248 24.94 -14.83 3.35
N PHE B 249 24.24 -13.72 3.57
CA PHE B 249 24.83 -12.50 4.11
C PHE B 249 23.90 -11.95 5.20
N LEU B 250 24.47 -11.09 6.04
CA LEU B 250 23.73 -10.41 7.11
C LEU B 250 24.41 -9.06 7.30
N THR B 251 23.68 -7.96 7.15
CA THR B 251 24.26 -6.64 7.35
C THR B 251 23.86 -6.21 8.75
N ILE B 252 24.85 -5.82 9.55
CA ILE B 252 24.61 -5.47 10.94
C ILE B 252 25.16 -4.11 11.33
N SER B 253 24.48 -3.47 12.27
CA SER B 253 24.90 -2.15 12.76
C SER B 253 26.16 -2.30 13.62
N PRO B 254 26.98 -1.23 13.68
CA PRO B 254 28.21 -1.27 14.49
C PRO B 254 27.92 -1.64 15.94
N LYS B 255 26.78 -1.20 16.46
CA LYS B 255 26.43 -1.49 17.84
C LYS B 255 26.24 -2.99 18.09
N LEU B 256 25.45 -3.64 17.25
CA LEU B 256 25.22 -5.07 17.40
C LEU B 256 26.49 -5.86 17.04
N LEU B 257 27.26 -5.34 16.09
CA LEU B 257 28.51 -6.00 15.71
C LEU B 257 29.44 -5.99 16.93
N GLY B 258 29.41 -4.90 17.68
CA GLY B 258 30.25 -4.79 18.87
C GLY B 258 29.83 -5.82 19.91
N GLU B 259 28.52 -6.03 20.04
CA GLU B 259 28.01 -7.00 20.99
C GLU B 259 28.46 -8.40 20.61
N LEU B 260 28.41 -8.70 19.32
CA LEU B 260 28.81 -10.01 18.82
C LEU B 260 30.31 -10.25 19.02
N LEU B 261 31.10 -9.19 18.87
CA LEU B 261 32.55 -9.28 19.05
C LEU B 261 32.92 -9.56 20.50
N LYS B 262 32.09 -9.07 21.43
CA LYS B 262 32.35 -9.26 22.85
C LYS B 262 31.81 -10.59 23.35
N ASP B 263 30.81 -11.13 22.67
CA ASP B 263 30.17 -12.39 23.05
C ASP B 263 30.99 -13.61 22.64
N ASN B 264 31.20 -14.53 23.58
CA ASN B 264 31.97 -15.73 23.32
C ASN B 264 31.19 -17.05 23.40
N SER B 265 29.86 -16.96 23.46
CA SER B 265 29.06 -18.18 23.52
C SER B 265 29.07 -18.85 22.14
N LYS B 266 28.89 -20.17 22.11
CA LYS B 266 28.91 -20.90 20.84
C LYS B 266 27.72 -20.62 19.95
N LEU B 267 27.96 -20.61 18.64
CA LEU B 267 26.94 -20.36 17.65
C LEU B 267 26.88 -21.52 16.64
N ALA B 268 25.68 -21.80 16.15
CA ALA B 268 25.47 -22.86 15.17
C ALA B 268 24.45 -22.34 14.16
N PRO B 269 24.69 -22.59 12.86
CA PRO B 269 23.78 -22.13 11.80
C PRO B 269 22.39 -22.77 11.84
N ALA B 270 21.37 -21.93 11.67
CA ALA B 270 19.99 -22.39 11.65
C ALA B 270 19.52 -22.56 10.21
N LEU B 271 20.21 -21.89 9.28
CA LEU B 271 19.82 -21.97 7.88
C LEU B 271 20.83 -22.77 7.06
N SER B 272 20.33 -23.57 6.13
CA SER B 272 21.21 -24.38 5.27
C SER B 272 20.51 -24.69 3.95
N VAL B 273 21.30 -24.81 2.88
CA VAL B 273 20.75 -25.13 1.57
C VAL B 273 20.04 -26.47 1.58
N LYS B 274 20.61 -27.46 2.27
CA LYS B 274 20.01 -28.78 2.34
C LYS B 274 18.66 -28.75 3.02
N ALA B 275 18.56 -28.06 4.15
CA ALA B 275 17.29 -27.97 4.87
C ALA B 275 16.26 -27.25 4.01
N ALA B 276 16.75 -26.34 3.16
CA ALA B 276 15.88 -25.57 2.28
C ALA B 276 15.25 -26.46 1.21
N GLN B 277 16.05 -27.36 0.66
CA GLN B 277 15.58 -28.25 -0.40
C GLN B 277 14.43 -29.16 0.05
N THR B 278 14.34 -29.41 1.35
CA THR B 278 13.27 -30.26 1.88
C THR B 278 12.14 -29.44 2.49
N SER B 279 12.24 -28.10 2.39
CA SER B 279 11.20 -27.24 2.94
C SER B 279 9.93 -27.39 2.10
N ASP B 280 8.81 -26.93 2.64
CA ASP B 280 7.53 -27.05 1.94
C ASP B 280 7.19 -25.87 1.03
N SER B 281 8.22 -25.21 0.51
CA SER B 281 8.04 -24.09 -0.39
C SER B 281 7.38 -24.56 -1.68
N GLU B 282 6.57 -23.70 -2.29
CA GLU B 282 5.91 -24.05 -3.54
C GLU B 282 6.14 -22.92 -4.54
N LYS B 283 6.81 -23.24 -5.65
CA LYS B 283 7.12 -22.24 -6.65
C LYS B 283 5.92 -21.54 -7.27
N ILE B 284 5.97 -20.22 -7.30
CA ILE B 284 4.90 -19.44 -7.90
C ILE B 284 5.47 -18.39 -8.84
N HIS B 285 4.61 -17.87 -9.70
CA HIS B 285 5.02 -16.86 -10.66
C HIS B 285 4.05 -15.69 -10.54
N LEU B 286 4.59 -14.49 -10.52
CA LEU B 286 3.77 -13.30 -10.36
C LEU B 286 3.92 -12.23 -11.43
N ASP B 287 2.83 -11.93 -12.14
CA ASP B 287 2.87 -10.84 -13.09
C ASP B 287 2.51 -9.65 -12.20
N GLU B 288 2.43 -8.45 -12.73
CA GLU B 288 2.13 -7.30 -11.88
C GLU B 288 0.89 -7.44 -10.98
N LYS B 289 -0.24 -7.77 -11.58
CA LYS B 289 -1.47 -7.88 -10.80
C LYS B 289 -1.45 -8.99 -9.74
N ALA B 290 -0.77 -10.10 -10.02
CA ALA B 290 -0.67 -11.18 -9.05
C ALA B 290 0.18 -10.71 -7.87
N PHE B 291 1.26 -10.01 -8.17
CA PHE B 291 2.14 -9.49 -7.13
C PHE B 291 1.40 -8.51 -6.21
N ARG B 292 0.69 -7.56 -6.82
CA ARG B 292 -0.02 -6.56 -6.03
C ARG B 292 -1.04 -7.18 -5.09
N TRP B 293 -1.73 -8.22 -5.54
CA TRP B 293 -2.70 -8.88 -4.69
C TRP B 293 -2.01 -9.62 -3.54
N LEU B 294 -1.03 -10.45 -3.86
CA LEU B 294 -0.31 -11.23 -2.84
C LEU B 294 0.41 -10.34 -1.83
N HIS B 295 0.95 -9.23 -2.30
CA HIS B 295 1.62 -8.31 -1.39
C HIS B 295 0.57 -7.70 -0.45
N ASN B 296 -0.57 -7.29 -1.00
CA ASN B 296 -1.63 -6.68 -0.20
C ASN B 296 -2.20 -7.61 0.87
N GLU B 297 -2.02 -8.92 0.68
CA GLU B 297 -2.52 -9.89 1.66
C GLU B 297 -1.66 -9.84 2.92
N ASP B 298 -0.48 -9.24 2.82
CA ASP B 298 0.43 -9.11 3.95
C ASP B 298 0.32 -7.69 4.50
N GLN B 299 -0.54 -7.48 5.49
CA GLN B 299 -0.74 -6.16 6.07
C GLN B 299 0.55 -5.50 6.57
N MET B 300 1.33 -6.25 7.34
CA MET B 300 2.58 -5.72 7.86
C MET B 300 3.45 -5.18 6.72
N ALA B 301 3.63 -6.00 5.70
CA ALA B 301 4.45 -5.64 4.54
C ALA B 301 3.93 -4.40 3.81
N VAL B 302 2.61 -4.31 3.63
CA VAL B 302 2.03 -3.16 2.96
C VAL B 302 2.38 -1.89 3.72
N GLU B 303 2.14 -1.92 5.03
CA GLU B 303 2.37 -0.76 5.87
C GLU B 303 3.85 -0.44 6.08
N LYS B 304 4.68 -1.45 6.23
CA LYS B 304 6.10 -1.19 6.41
C LYS B 304 6.82 -0.75 5.14
N LEU B 305 6.44 -1.29 3.98
CA LEU B 305 7.09 -0.84 2.75
C LEU B 305 6.70 0.62 2.54
N SER B 306 5.41 0.90 2.69
CA SER B 306 4.89 2.24 2.52
C SER B 306 5.54 3.25 3.46
N ASP B 307 5.66 2.91 4.75
CA ASP B 307 6.26 3.80 5.74
C ASP B 307 7.77 3.94 5.51
N GLY B 308 8.41 2.83 5.10
CA GLY B 308 9.83 2.88 4.85
C GLY B 308 10.15 3.87 3.74
N ILE B 309 9.27 3.93 2.74
CA ILE B 309 9.46 4.86 1.63
C ILE B 309 9.32 6.30 2.12
N ARG B 310 8.27 6.58 2.88
CA ARG B 310 8.07 7.94 3.41
C ARG B 310 9.24 8.40 4.29
N LYS B 311 9.75 7.50 5.13
CA LYS B 311 10.85 7.83 6.02
C LYS B 311 12.15 8.15 5.29
N PHE B 312 12.51 7.33 4.30
CA PHE B 312 13.73 7.59 3.55
C PHE B 312 13.57 8.85 2.71
N ALA B 313 12.36 9.13 2.24
CA ALA B 313 12.13 10.33 1.44
C ALA B 313 12.30 11.55 2.35
N ALA B 314 11.88 11.40 3.60
CA ALA B 314 12.00 12.47 4.57
C ALA B 314 13.48 12.72 4.88
N ASP B 315 14.28 11.66 4.88
CA ASP B 315 15.71 11.79 5.14
C ASP B 315 16.39 12.49 3.96
N ALA B 316 15.86 12.27 2.76
CA ALA B 316 16.41 12.90 1.57
C ALA B 316 16.08 14.39 1.63
N ILE B 317 14.84 14.69 1.97
CA ILE B 317 14.40 16.07 2.08
C ILE B 317 15.23 16.81 3.12
N LYS B 318 15.43 16.20 4.28
CA LYS B 318 16.21 16.83 5.34
C LYS B 318 17.68 17.04 4.92
N LEU B 319 18.26 16.06 4.25
CA LEU B 319 19.64 16.19 3.81
C LEU B 319 19.78 17.28 2.75
N GLU B 320 18.83 17.36 1.82
CA GLU B 320 18.91 18.39 0.79
C GLU B 320 18.73 19.78 1.42
N ARG B 321 17.96 19.84 2.51
CA ARG B 321 17.74 21.11 3.20
C ARG B 321 19.04 21.56 3.84
N MET B 322 19.74 20.62 4.47
CA MET B 322 21.02 20.91 5.13
C MET B 322 22.01 21.43 4.09
N LEU B 323 21.94 20.89 2.88
CA LEU B 323 22.84 21.31 1.81
C LEU B 323 22.41 22.65 1.26
N THR B 324 21.11 22.82 1.03
CA THR B 324 20.57 24.07 0.51
C THR B 324 20.97 25.26 1.39
N GLU B 325 21.00 25.04 2.71
CA GLU B 325 21.34 26.10 3.65
C GLU B 325 22.84 26.39 3.75
N ARG B 326 23.64 25.60 3.04
CA ARG B 326 25.08 25.80 3.06
C ARG B 326 25.61 26.08 1.66
N MET B 327 24.73 25.99 0.67
CA MET B 327 25.12 26.22 -0.71
C MET B 327 24.61 27.52 -1.32
N PHE B 328 23.53 28.06 -0.76
CA PHE B 328 22.97 29.29 -1.31
C PHE B 328 22.73 30.36 -0.25
#